data_1UWL
#
_entry.id   1UWL
#
_cell.length_a   111.430
_cell.length_b   71.622
_cell.length_c   129.120
_cell.angle_alpha   90.00
_cell.angle_beta   98.99
_cell.angle_gamma   90.00
#
_symmetry.space_group_name_H-M   'C 1 2 1'
#
loop_
_entity.id
_entity.type
_entity.pdbx_description
1 polymer 'UROCANATE HYDRATASE'
2 non-polymer NICOTINAMIDE-ADENINE-DINUCLEOTIDE
3 water water
#
_entity_poly.entity_id   1
_entity_poly.type   'polypeptide(L)'
_entity_poly.pdbx_seq_one_letter_code
;MTDNNNYRDVEIRAPRGNKLTAKSWLTEAPLRMLMNNLDPQVAENPKELVVYGGIGRAARNWECYDKIVETLTRLEDDET
LLVQSGKPVGVFKTHSNAPRVLIANSNLVPHWANWEHFNELDAKGLAMYGQMTAGSWIYIGSQGIVQGTYETFVEAGRQH
YGGSLKGKWVLTAGLGGMGGAQPLAATLAGACSLNIESQQSRIDFRLETRYVDEQATDLDDALVRIAKYTAEGKAISIAL
HGNAAEILPELVKRGVRPDMVTDQTSAHDPLNGYLPAGWTWEQYRDRAQTEPAAVVKAAKQSMAVHVQAMLDFQKQGVPT
FDYGNNIRQMAKEEGVANAFDFPGFVPAYIRPLFCRGVGPFRWAALSGEAEDIYKTDAKVKELIPDDAHLHRWLDMARER
ISFQGLPARICWVGLGLRAKLGLAFNEMVRSGELSAPVVIGRDHLDSGSVSSPNRETEAMRDGSDAVSDWPLLNALLNTA
GGATWVSLHHGGGVGMGFSQHSGMVIVCDGTDEAAERIARVLTNDPGTGVMRHADAGYDIAIDCAKEQGLDLPMITG
;
_entity_poly.pdbx_strand_id   A,B
#
loop_
_chem_comp.id
_chem_comp.type
_chem_comp.name
_chem_comp.formula
NAD non-polymer NICOTINAMIDE-ADENINE-DINUCLEOTIDE 'C21 H27 N7 O14 P2'
#
# COMPACT_ATOMS: atom_id res chain seq x y z
N ASN A 5 -24.89 -10.58 -12.79
CA ASN A 5 -23.79 -10.34 -11.80
C ASN A 5 -22.35 -10.54 -12.34
N ASN A 6 -21.83 -11.78 -12.34
CA ASN A 6 -20.46 -12.07 -12.81
C ASN A 6 -20.42 -12.79 -14.15
N TYR A 7 -21.56 -13.27 -14.69
CA TYR A 7 -21.58 -13.90 -16.02
C TYR A 7 -22.38 -13.12 -17.06
N ARG A 8 -21.75 -12.87 -18.18
CA ARG A 8 -22.44 -12.33 -19.33
C ARG A 8 -21.94 -13.03 -20.59
N ASP A 9 -22.87 -13.50 -21.43
CA ASP A 9 -22.48 -14.33 -22.58
C ASP A 9 -22.25 -13.37 -23.73
N VAL A 10 -21.12 -12.66 -23.68
CA VAL A 10 -20.70 -11.72 -24.71
C VAL A 10 -19.21 -11.93 -25.04
N GLU A 11 -18.87 -11.62 -26.27
CA GLU A 11 -17.48 -11.61 -26.77
C GLU A 11 -17.05 -10.16 -26.88
N ILE A 12 -15.98 -9.81 -26.15
CA ILE A 12 -15.47 -8.47 -26.13
C ILE A 12 -14.10 -8.49 -26.77
N ARG A 13 -13.80 -7.50 -27.56
CA ARG A 13 -12.47 -7.32 -28.12
C ARG A 13 -12.18 -5.83 -28.27
N ALA A 14 -10.91 -5.46 -28.20
CA ALA A 14 -10.52 -4.08 -28.35
C ALA A 14 -10.94 -3.58 -29.74
N PRO A 15 -11.51 -2.38 -29.78
CA PRO A 15 -11.72 -1.63 -31.02
C PRO A 15 -10.36 -1.49 -31.71
N ARG A 16 -10.41 -1.44 -33.03
CA ARG A 16 -9.22 -1.38 -33.84
C ARG A 16 -9.11 -0.07 -34.64
N GLY A 17 -7.93 0.17 -35.19
CA GLY A 17 -7.75 1.30 -36.12
C GLY A 17 -7.63 2.62 -35.40
N ASN A 18 -7.81 3.69 -36.16
CA ASN A 18 -7.49 5.00 -35.65
C ASN A 18 -8.66 5.84 -35.15
N LYS A 19 -9.87 5.33 -35.27
CA LYS A 19 -11.04 6.08 -34.83
C LYS A 19 -11.15 5.94 -33.31
N LEU A 20 -11.34 7.05 -32.62
CA LEU A 20 -11.54 7.07 -31.18
C LEU A 20 -13.03 6.88 -30.79
N THR A 21 -13.29 6.15 -29.70
CA THR A 21 -14.59 6.07 -28.98
C THR A 21 -14.54 7.12 -27.86
N ALA A 22 -13.42 7.09 -27.13
CA ALA A 22 -13.14 8.06 -26.07
C ALA A 22 -12.69 9.42 -26.60
N LYS A 23 -12.44 10.35 -25.69
CA LYS A 23 -12.09 11.74 -26.06
C LYS A 23 -10.68 12.00 -26.54
N SER A 24 -9.74 11.11 -26.24
CA SER A 24 -8.37 11.28 -26.66
C SER A 24 -7.70 9.91 -26.63
N TRP A 25 -6.46 9.81 -27.11
CA TRP A 25 -5.78 8.52 -27.09
C TRP A 25 -5.38 8.13 -25.68
N LEU A 26 -5.20 9.13 -24.80
CA LEU A 26 -4.86 8.83 -23.43
C LEU A 26 -5.97 8.11 -22.65
N THR A 27 -7.23 8.30 -23.06
CA THR A 27 -8.36 7.58 -22.46
C THR A 27 -8.88 6.43 -23.33
N GLU A 28 -8.68 6.52 -24.65
CA GLU A 28 -8.92 5.41 -25.55
C GLU A 28 -8.02 4.18 -25.20
N ALA A 29 -6.76 4.44 -24.86
CA ALA A 29 -5.80 3.38 -24.51
C ALA A 29 -6.27 2.48 -23.39
N PRO A 30 -6.63 2.98 -22.19
CA PRO A 30 -7.11 2.07 -21.16
C PRO A 30 -8.41 1.39 -21.54
N LEU A 31 -9.29 2.08 -22.27
CA LEU A 31 -10.52 1.52 -22.75
C LEU A 31 -10.21 0.30 -23.62
N ARG A 32 -9.26 0.43 -24.55
CA ARG A 32 -8.94 -0.68 -25.46
C ARG A 32 -8.25 -1.84 -24.73
N MET A 33 -7.36 -1.53 -23.78
CA MET A 33 -6.59 -2.56 -23.07
C MET A 33 -7.46 -3.31 -22.09
N LEU A 34 -8.47 -2.61 -21.52
CA LEU A 34 -9.44 -3.29 -20.70
C LEU A 34 -10.20 -4.35 -21.52
N MET A 35 -10.67 -3.96 -22.71
CA MET A 35 -11.38 -4.87 -23.59
C MET A 35 -10.48 -6.02 -24.10
N ASN A 36 -9.23 -5.67 -24.38
CA ASN A 36 -8.26 -6.63 -24.85
C ASN A 36 -8.01 -7.71 -23.79
N ASN A 37 -8.01 -7.30 -22.52
CA ASN A 37 -7.91 -8.23 -21.39
C ASN A 37 -8.99 -9.30 -21.38
N LEU A 38 -10.11 -9.00 -22.03
CA LEU A 38 -11.26 -9.89 -22.04
C LEU A 38 -11.48 -10.55 -23.41
N ASP A 39 -10.54 -10.36 -24.33
CA ASP A 39 -10.66 -10.91 -25.67
C ASP A 39 -10.74 -12.46 -25.58
N PRO A 40 -11.67 -13.09 -26.29
CA PRO A 40 -11.76 -14.57 -26.25
C PRO A 40 -10.45 -15.32 -26.57
N GLN A 41 -9.57 -14.67 -27.30
CA GLN A 41 -8.29 -15.25 -27.68
C GLN A 41 -7.21 -14.95 -26.64
N VAL A 42 -7.50 -14.03 -25.72
CA VAL A 42 -6.56 -13.60 -24.70
C VAL A 42 -6.81 -14.20 -23.29
N ALA A 43 -8.04 -14.04 -22.83
CA ALA A 43 -8.44 -14.30 -21.47
C ALA A 43 -8.83 -15.75 -21.23
N GLU A 44 -8.64 -16.23 -20.00
CA GLU A 44 -9.01 -17.60 -19.66
C GLU A 44 -10.52 -17.85 -19.57
N ASN A 45 -11.25 -16.91 -19.00
CA ASN A 45 -12.70 -17.07 -18.81
C ASN A 45 -13.42 -15.72 -18.76
N PRO A 46 -13.37 -14.99 -19.87
CA PRO A 46 -13.81 -13.58 -19.86
C PRO A 46 -15.31 -13.39 -19.72
N LYS A 47 -16.11 -14.43 -19.95
CA LYS A 47 -17.57 -14.30 -19.71
C LYS A 47 -17.86 -14.12 -18.23
N GLU A 48 -16.95 -14.58 -17.39
CA GLU A 48 -16.97 -14.32 -15.96
C GLU A 48 -15.96 -13.24 -15.52
N LEU A 49 -15.48 -12.44 -16.50
CA LEU A 49 -14.50 -11.37 -16.29
C LEU A 49 -13.11 -11.85 -15.85
N VAL A 50 -12.85 -13.13 -15.96
CA VAL A 50 -11.59 -13.71 -15.52
C VAL A 50 -10.58 -13.72 -16.66
N VAL A 51 -9.41 -13.15 -16.38
CA VAL A 51 -8.29 -13.06 -17.33
C VAL A 51 -7.31 -14.21 -17.16
N TYR A 52 -6.79 -14.38 -15.93
CA TYR A 52 -5.83 -15.42 -15.63
C TYR A 52 -5.65 -15.64 -14.17
N GLY A 53 -4.86 -16.63 -13.79
CA GLY A 53 -4.31 -16.66 -12.45
C GLY A 53 -5.33 -16.86 -11.37
N GLY A 54 -6.14 -17.89 -11.56
CA GLY A 54 -7.26 -18.16 -10.67
C GLY A 54 -8.39 -17.23 -11.03
N ILE A 55 -8.89 -16.45 -10.08
CA ILE A 55 -9.96 -15.49 -10.32
C ILE A 55 -9.46 -14.06 -10.49
N GLY A 56 -8.35 -13.88 -11.21
CA GLY A 56 -7.84 -12.55 -11.55
C GLY A 56 -8.80 -11.91 -12.60
N ARG A 57 -9.51 -10.86 -12.19
CA ARG A 57 -10.53 -10.24 -13.03
C ARG A 57 -10.16 -8.84 -13.52
N ALA A 58 -10.81 -8.43 -14.62
CA ALA A 58 -10.63 -7.08 -15.25
C ALA A 58 -11.52 -6.00 -14.62
N ALA A 59 -12.65 -6.41 -14.05
CA ALA A 59 -13.58 -5.48 -13.40
C ALA A 59 -14.37 -6.30 -12.37
N ARG A 60 -14.99 -5.65 -11.38
CA ARG A 60 -15.50 -6.39 -10.22
C ARG A 60 -16.67 -7.29 -10.60
N ASN A 61 -17.50 -6.76 -11.50
CA ASN A 61 -18.70 -7.44 -11.99
C ASN A 61 -19.16 -6.69 -13.25
N TRP A 62 -20.24 -7.14 -13.88
CA TRP A 62 -20.59 -6.58 -15.18
C TRP A 62 -21.17 -5.17 -15.08
N GLU A 63 -21.91 -4.87 -14.01
CA GLU A 63 -22.35 -3.52 -13.80
C GLU A 63 -21.14 -2.55 -13.71
N CYS A 64 -20.09 -2.97 -12.99
CA CYS A 64 -18.85 -2.17 -12.91
C CYS A 64 -18.13 -2.03 -14.25
N TYR A 65 -18.11 -3.11 -15.04
CA TYR A 65 -17.49 -3.11 -16.36
C TYR A 65 -18.18 -2.04 -17.19
N ASP A 66 -19.50 -2.13 -17.29
CA ASP A 66 -20.27 -1.19 -18.06
C ASP A 66 -19.99 0.25 -17.69
N LYS A 67 -19.89 0.54 -16.37
CA LYS A 67 -19.67 1.88 -15.89
C LYS A 67 -18.24 2.37 -16.14
N ILE A 68 -17.27 1.45 -16.14
CA ILE A 68 -15.89 1.82 -16.46
C ILE A 68 -15.83 2.24 -17.91
N VAL A 69 -16.44 1.47 -18.78
CA VAL A 69 -16.44 1.80 -20.20
C VAL A 69 -17.13 3.12 -20.42
N GLU A 70 -18.25 3.31 -19.75
CA GLU A 70 -19.06 4.53 -19.91
C GLU A 70 -18.24 5.71 -19.45
N THR A 71 -17.55 5.57 -18.30
CA THR A 71 -16.77 6.65 -17.75
C THR A 71 -15.51 6.99 -18.53
N LEU A 72 -14.75 5.98 -18.88
CA LEU A 72 -13.61 6.18 -19.75
C LEU A 72 -13.96 6.94 -21.04
N THR A 73 -15.12 6.66 -21.59
CA THR A 73 -15.54 7.24 -22.85
C THR A 73 -15.76 8.73 -22.76
N ARG A 74 -16.22 9.20 -21.58
CA ARG A 74 -16.45 10.64 -21.32
C ARG A 74 -15.35 11.40 -20.56
N LEU A 75 -14.36 10.66 -20.03
CA LEU A 75 -13.33 11.25 -19.20
C LEU A 75 -12.52 12.33 -19.96
N GLU A 76 -12.37 13.50 -19.32
CA GLU A 76 -11.69 14.63 -19.90
C GLU A 76 -10.17 14.54 -19.67
N ASP A 77 -9.45 15.37 -20.41
CA ASP A 77 -8.03 15.27 -20.51
C ASP A 77 -7.32 15.71 -19.23
N ASP A 78 -8.06 16.39 -18.33
CA ASP A 78 -7.55 16.85 -17.05
C ASP A 78 -8.25 16.19 -15.86
N GLU A 79 -8.92 15.07 -16.14
CA GLU A 79 -9.61 14.28 -15.11
C GLU A 79 -8.92 12.95 -14.86
N THR A 80 -9.08 12.45 -13.66
CA THR A 80 -8.55 11.15 -13.29
C THR A 80 -9.63 10.24 -12.70
N LEU A 81 -9.78 9.06 -13.28
CA LEU A 81 -10.69 8.06 -12.74
C LEU A 81 -9.99 7.20 -11.72
N LEU A 82 -10.65 7.01 -10.58
CA LEU A 82 -10.22 6.08 -9.55
C LEU A 82 -10.96 4.78 -9.73
N VAL A 83 -10.22 3.68 -9.79
CA VAL A 83 -10.79 2.35 -9.84
C VAL A 83 -10.39 1.64 -8.55
N GLN A 84 -11.38 1.15 -7.82
CA GLN A 84 -11.20 0.55 -6.51
C GLN A 84 -11.73 -0.88 -6.59
N SER A 85 -10.83 -1.86 -6.46
CA SER A 85 -11.14 -3.26 -6.72
C SER A 85 -12.15 -3.45 -7.86
N GLY A 86 -11.74 -2.96 -9.03
CA GLY A 86 -12.50 -3.18 -10.25
C GLY A 86 -13.83 -2.41 -10.34
N LYS A 87 -13.96 -1.34 -9.57
CA LYS A 87 -15.20 -0.50 -9.50
C LYS A 87 -14.82 0.98 -9.77
N PRO A 88 -15.52 1.66 -10.70
CA PRO A 88 -15.22 3.08 -10.95
C PRO A 88 -15.84 4.00 -9.88
N VAL A 89 -15.08 4.44 -8.90
CA VAL A 89 -15.64 5.06 -7.70
C VAL A 89 -15.64 6.57 -7.67
N GLY A 90 -14.75 7.21 -8.41
CA GLY A 90 -14.69 8.65 -8.44
C GLY A 90 -13.90 9.20 -9.58
N VAL A 91 -14.26 10.40 -10.01
CA VAL A 91 -13.53 11.14 -11.04
C VAL A 91 -13.18 12.51 -10.42
N PHE A 92 -11.90 12.88 -10.48
CA PHE A 92 -11.39 14.09 -9.83
C PHE A 92 -10.49 14.88 -10.79
N LYS A 93 -10.44 16.19 -10.61
CA LYS A 93 -9.66 17.06 -11.51
C LYS A 93 -8.18 16.96 -11.14
N THR A 94 -7.34 16.71 -12.14
CA THR A 94 -5.92 16.70 -11.95
C THR A 94 -5.33 17.58 -13.05
N HIS A 95 -4.59 16.98 -13.98
CA HIS A 95 -4.00 17.75 -15.08
C HIS A 95 -3.57 16.77 -16.14
N SER A 96 -3.25 17.30 -17.30
CA SER A 96 -3.00 16.45 -18.48
C SER A 96 -1.74 15.59 -18.36
N ASN A 97 -0.82 15.96 -17.49
CA ASN A 97 0.41 15.22 -17.30
C ASN A 97 0.35 14.20 -16.14
N ALA A 98 -0.81 14.12 -15.51
CA ALA A 98 -1.05 13.07 -14.51
C ALA A 98 -1.64 11.83 -15.19
N PRO A 99 -1.70 10.68 -14.52
CA PRO A 99 -2.37 9.51 -15.07
C PRO A 99 -3.89 9.77 -15.22
N ARG A 100 -4.48 9.26 -16.27
CA ARG A 100 -5.92 9.31 -16.47
C ARG A 100 -6.69 8.34 -15.59
N VAL A 101 -6.02 7.28 -15.12
CA VAL A 101 -6.66 6.27 -14.26
C VAL A 101 -5.66 5.86 -13.16
N LEU A 102 -6.16 5.79 -11.93
CA LEU A 102 -5.44 5.32 -10.79
C LEU A 102 -6.23 4.14 -10.24
N ILE A 103 -5.54 3.01 -10.09
CA ILE A 103 -6.20 1.74 -9.82
C ILE A 103 -5.62 1.18 -8.54
N ALA A 104 -6.48 0.80 -7.60
CA ALA A 104 -6.06 0.07 -6.39
C ALA A 104 -6.98 -1.13 -6.25
N ASN A 105 -6.41 -2.34 -6.33
CA ASN A 105 -7.17 -3.60 -6.32
C ASN A 105 -6.71 -4.58 -5.24
N SER A 106 -7.68 -5.14 -4.52
CA SER A 106 -7.51 -6.27 -3.64
C SER A 106 -6.73 -5.94 -2.36
N ASN A 107 -6.49 -4.67 -2.10
CA ASN A 107 -5.74 -4.28 -0.91
C ASN A 107 -6.55 -4.46 0.39
N LEU A 108 -5.98 -5.19 1.34
CA LEU A 108 -6.61 -5.44 2.62
C LEU A 108 -5.62 -5.12 3.74
N VAL A 109 -6.11 -4.52 4.80
CA VAL A 109 -5.32 -4.23 5.96
C VAL A 109 -4.71 -5.58 6.44
N PRO A 110 -3.40 -5.61 6.73
CA PRO A 110 -2.67 -6.88 6.83
C PRO A 110 -3.25 -7.99 7.70
N HIS A 111 -3.72 -7.64 8.89
CA HIS A 111 -4.25 -8.65 9.79
C HIS A 111 -5.48 -9.39 9.16
N TRP A 112 -6.09 -8.78 8.14
CA TRP A 112 -7.25 -9.32 7.43
C TRP A 112 -6.92 -9.72 6.02
N ALA A 113 -5.63 -9.76 5.68
CA ALA A 113 -5.21 -9.99 4.32
C ALA A 113 -5.04 -11.47 4.09
N ASN A 114 -6.17 -12.13 3.87
CA ASN A 114 -6.21 -13.58 3.67
C ASN A 114 -7.40 -13.90 2.77
N TRP A 115 -7.42 -15.12 2.24
CA TRP A 115 -8.48 -15.46 1.28
C TRP A 115 -9.82 -15.55 1.97
N GLU A 116 -9.81 -15.99 3.22
CA GLU A 116 -11.08 -16.17 3.94
C GLU A 116 -11.78 -14.83 4.03
N HIS A 117 -11.07 -13.78 4.41
CA HIS A 117 -11.70 -12.44 4.46
C HIS A 117 -12.00 -11.85 3.08
N PHE A 118 -11.12 -12.06 2.10
CA PHE A 118 -11.39 -11.62 0.73
C PHE A 118 -12.72 -12.25 0.27
N ASN A 119 -12.90 -13.54 0.56
CA ASN A 119 -14.12 -14.23 0.10
C ASN A 119 -15.36 -13.72 0.83
N GLU A 120 -15.24 -13.38 2.11
CA GLU A 120 -16.37 -12.72 2.82
C GLU A 120 -16.81 -11.40 2.13
N LEU A 121 -15.81 -10.61 1.75
CA LEU A 121 -16.03 -9.36 1.08
C LEU A 121 -16.59 -9.58 -0.31
N ASP A 122 -16.07 -10.59 -1.01
CA ASP A 122 -16.54 -10.89 -2.39
C ASP A 122 -18.04 -11.24 -2.37
N ALA A 123 -18.46 -12.01 -1.38
CA ALA A 123 -19.86 -12.41 -1.21
C ALA A 123 -20.77 -11.21 -1.02
N LYS A 124 -20.24 -10.13 -0.44
CA LYS A 124 -20.98 -8.90 -0.21
C LYS A 124 -20.85 -7.92 -1.36
N GLY A 125 -20.13 -8.30 -2.42
CA GLY A 125 -19.97 -7.46 -3.55
C GLY A 125 -18.92 -6.37 -3.44
N LEU A 126 -17.98 -6.59 -2.55
CA LEU A 126 -16.98 -5.59 -2.13
C LEU A 126 -15.57 -5.89 -2.58
N ALA A 127 -15.38 -6.92 -3.38
CA ALA A 127 -14.05 -7.37 -3.71
C ALA A 127 -13.85 -7.78 -5.17
N MET A 128 -12.57 -7.71 -5.58
CA MET A 128 -12.12 -8.23 -6.85
C MET A 128 -10.60 -8.46 -6.78
N TYR A 129 -10.17 -9.65 -7.21
CA TYR A 129 -8.75 -10.01 -7.21
C TYR A 129 -8.18 -9.47 -8.50
N GLY A 130 -7.19 -8.56 -8.40
CA GLY A 130 -6.59 -8.01 -9.58
C GLY A 130 -5.49 -8.83 -10.22
N GLN A 131 -5.04 -9.88 -9.55
CA GLN A 131 -3.77 -10.51 -9.93
C GLN A 131 -2.73 -9.39 -10.10
N MET A 132 -1.92 -9.41 -11.15
CA MET A 132 -1.06 -8.29 -11.48
C MET A 132 -1.67 -7.51 -12.65
N THR A 133 -1.71 -8.11 -13.84
CA THR A 133 -2.09 -7.39 -15.03
C THR A 133 -3.57 -7.59 -15.43
N ALA A 134 -4.31 -8.41 -14.68
CA ALA A 134 -5.75 -8.62 -14.96
C ALA A 134 -6.57 -7.37 -14.62
N GLY A 135 -6.47 -6.86 -13.41
CA GLY A 135 -7.19 -5.66 -12.99
C GLY A 135 -6.55 -4.34 -13.37
N SER A 136 -5.35 -4.39 -13.97
CA SER A 136 -4.65 -3.20 -14.40
C SER A 136 -4.44 -3.12 -15.90
N TRP A 137 -5.09 -4.02 -16.64
CA TRP A 137 -5.34 -3.86 -18.09
C TRP A 137 -4.10 -3.77 -18.91
N ILE A 138 -3.23 -4.75 -18.71
CA ILE A 138 -1.97 -4.86 -19.49
C ILE A 138 -1.58 -6.31 -19.73
N TYR A 139 -2.57 -7.19 -19.77
CA TYR A 139 -2.31 -8.60 -20.05
C TYR A 139 -2.31 -8.79 -21.55
N ILE A 140 -1.36 -9.55 -22.08
CA ILE A 140 -1.24 -9.79 -23.53
C ILE A 140 -1.19 -11.31 -23.79
N GLY A 141 -2.02 -12.05 -23.10
CA GLY A 141 -2.08 -13.48 -23.29
C GLY A 141 -0.87 -14.19 -22.69
N SER A 142 -0.55 -15.37 -23.19
CA SER A 142 0.60 -16.13 -22.63
C SER A 142 1.94 -15.48 -22.91
N GLN A 143 1.99 -14.55 -23.86
CA GLN A 143 3.26 -13.88 -24.21
C GLN A 143 3.82 -13.09 -23.06
N GLY A 144 2.94 -12.51 -22.22
CA GLY A 144 3.46 -11.67 -21.15
C GLY A 144 4.54 -12.31 -20.30
N ILE A 145 4.42 -13.61 -20.04
CA ILE A 145 5.36 -14.31 -19.14
C ILE A 145 6.40 -15.12 -19.92
N VAL A 146 6.16 -15.37 -21.20
CA VAL A 146 6.91 -16.42 -21.90
C VAL A 146 8.42 -16.12 -21.90
N GLN A 147 8.81 -14.85 -22.04
CA GLN A 147 10.24 -14.57 -22.05
C GLN A 147 10.83 -14.81 -20.67
N GLY A 148 10.12 -14.44 -19.61
CA GLY A 148 10.57 -14.72 -18.25
C GLY A 148 10.75 -16.22 -17.98
N THR A 149 9.82 -17.04 -18.46
CA THR A 149 9.90 -18.46 -18.26
C THR A 149 11.10 -19.03 -19.06
N TYR A 150 11.27 -18.54 -20.26
CA TYR A 150 12.41 -18.91 -21.11
C TYR A 150 13.74 -18.55 -20.43
N GLU A 151 13.86 -17.30 -19.96
CA GLU A 151 15.09 -16.84 -19.26
C GLU A 151 15.35 -17.69 -18.03
N THR A 152 14.29 -18.12 -17.35
CA THR A 152 14.42 -19.02 -16.20
C THR A 152 15.00 -20.38 -16.60
N PHE A 153 14.40 -21.01 -17.60
CA PHE A 153 14.91 -22.31 -18.05
C PHE A 153 16.35 -22.21 -18.61
N VAL A 154 16.66 -21.13 -19.34
CA VAL A 154 17.98 -20.93 -19.93
C VAL A 154 19.02 -20.85 -18.81
N GLU A 155 18.70 -20.04 -17.78
CA GLU A 155 19.64 -19.81 -16.69
C GLU A 155 19.81 -21.07 -15.86
N ALA A 156 18.71 -21.81 -15.60
CA ALA A 156 18.84 -23.09 -14.93
C ALA A 156 19.74 -24.02 -15.79
N GLY A 157 19.57 -23.98 -17.11
CA GLY A 157 20.37 -24.82 -18.01
C GLY A 157 21.82 -24.43 -17.95
N ARG A 158 22.07 -23.13 -17.88
CA ARG A 158 23.44 -22.62 -17.74
C ARG A 158 24.07 -23.08 -16.41
N GLN A 159 23.28 -23.09 -15.35
CA GLN A 159 23.82 -23.42 -14.03
C GLN A 159 24.09 -24.91 -13.86
N HIS A 160 23.24 -25.74 -14.47
CA HIS A 160 23.25 -27.18 -14.19
C HIS A 160 23.71 -28.07 -15.33
N TYR A 161 23.61 -27.60 -16.57
CA TYR A 161 23.82 -28.47 -17.74
C TYR A 161 24.73 -27.90 -18.81
N GLY A 162 25.48 -26.84 -18.49
CA GLY A 162 26.33 -26.18 -19.48
C GLY A 162 25.61 -25.33 -20.52
N GLY A 163 24.34 -25.02 -20.28
CA GLY A 163 23.61 -24.08 -21.13
C GLY A 163 22.39 -24.61 -21.88
N SER A 164 22.58 -24.95 -23.14
CA SER A 164 21.46 -25.54 -23.93
C SER A 164 20.79 -26.79 -23.28
N LEU A 165 19.47 -26.90 -23.43
CA LEU A 165 18.77 -28.05 -22.85
C LEU A 165 18.50 -29.23 -23.84
N LYS A 166 19.31 -29.32 -24.90
CA LYS A 166 19.15 -30.36 -25.91
C LYS A 166 19.26 -31.77 -25.32
N GLY A 167 18.27 -32.59 -25.58
CA GLY A 167 18.18 -33.91 -24.99
C GLY A 167 17.73 -34.00 -23.54
N LYS A 168 17.30 -32.87 -23.00
CA LYS A 168 16.80 -32.79 -21.64
C LYS A 168 15.30 -32.50 -21.65
N TRP A 169 14.63 -32.78 -20.53
CA TRP A 169 13.24 -32.41 -20.39
C TRP A 169 12.88 -31.82 -19.04
N VAL A 170 11.89 -30.93 -19.08
CA VAL A 170 11.28 -30.31 -17.92
C VAL A 170 9.97 -31.02 -17.58
N LEU A 171 9.76 -31.28 -16.29
CA LEU A 171 8.49 -31.77 -15.76
C LEU A 171 7.84 -30.61 -15.00
N THR A 172 6.62 -30.27 -15.38
CA THR A 172 5.86 -29.22 -14.68
C THR A 172 4.36 -29.45 -14.81
N ALA A 173 3.59 -28.54 -14.24
CA ALA A 173 2.13 -28.60 -14.32
C ALA A 173 1.55 -27.23 -14.42
N GLY A 174 0.30 -27.14 -14.89
CA GLY A 174 -0.41 -25.90 -15.07
C GLY A 174 -0.30 -25.36 -16.48
N LEU A 175 -1.37 -25.48 -17.24
CA LEU A 175 -1.48 -24.94 -18.60
C LEU A 175 -2.65 -23.98 -18.62
N GLY A 176 -2.68 -23.05 -17.67
CA GLY A 176 -3.57 -21.91 -17.71
C GLY A 176 -2.99 -20.78 -18.55
N GLY A 177 -3.43 -19.56 -18.32
CA GLY A 177 -2.99 -18.45 -19.15
C GLY A 177 -1.47 -18.24 -19.08
N MET A 178 -0.94 -18.20 -17.87
CA MET A 178 0.51 -18.00 -17.66
C MET A 178 1.30 -19.32 -17.68
N GLY A 179 0.75 -20.37 -17.07
CA GLY A 179 1.39 -21.68 -17.10
C GLY A 179 1.52 -22.24 -18.53
N GLY A 180 0.59 -21.88 -19.39
CA GLY A 180 0.61 -22.28 -20.79
C GLY A 180 1.88 -21.82 -21.55
N ALA A 181 2.59 -20.85 -21.03
CA ALA A 181 3.86 -20.41 -21.63
C ALA A 181 4.96 -21.39 -21.34
N GLN A 182 4.79 -22.23 -20.31
CA GLN A 182 5.84 -23.19 -19.96
C GLN A 182 6.29 -24.08 -21.11
N PRO A 183 5.38 -24.81 -21.79
CA PRO A 183 5.83 -25.68 -22.88
C PRO A 183 6.63 -24.94 -23.92
N LEU A 184 6.11 -23.84 -24.39
CA LEU A 184 6.80 -23.11 -25.44
C LEU A 184 8.14 -22.55 -24.95
N ALA A 185 8.20 -22.02 -23.73
CA ALA A 185 9.44 -21.52 -23.17
C ALA A 185 10.51 -22.65 -23.11
N ALA A 186 10.09 -23.85 -22.65
CA ALA A 186 11.02 -24.99 -22.61
C ALA A 186 11.54 -25.33 -24.00
N THR A 187 10.63 -25.37 -24.96
CA THR A 187 10.99 -25.60 -26.37
C THR A 187 12.03 -24.57 -26.87
N LEU A 188 11.79 -23.30 -26.58
CA LEU A 188 12.69 -22.27 -27.05
C LEU A 188 14.08 -22.38 -26.38
N ALA A 189 14.11 -22.87 -25.15
CA ALA A 189 15.38 -23.10 -24.44
C ALA A 189 16.05 -24.41 -24.86
N GLY A 190 15.39 -25.21 -25.70
CA GLY A 190 15.97 -26.38 -26.31
C GLY A 190 15.51 -27.69 -25.71
N ALA A 191 14.66 -27.60 -24.68
CA ALA A 191 14.18 -28.79 -23.92
C ALA A 191 12.84 -29.32 -24.41
N CYS A 192 12.66 -30.63 -24.30
CA CYS A 192 11.34 -31.23 -24.35
C CYS A 192 10.61 -31.03 -23.03
N SER A 193 9.34 -31.15 -22.88
CA SER A 193 8.67 -30.89 -21.62
C SER A 193 7.44 -31.74 -21.50
N LEU A 194 7.17 -32.18 -20.28
CA LEU A 194 5.89 -32.83 -19.94
C LEU A 194 5.14 -31.92 -19.03
N ASN A 195 3.92 -31.58 -19.41
CA ASN A 195 3.15 -30.51 -18.83
C ASN A 195 1.83 -31.08 -18.42
N ILE A 196 1.63 -31.21 -17.11
CA ILE A 196 0.38 -31.83 -16.66
C ILE A 196 -0.69 -30.79 -16.37
N GLU A 197 -1.90 -31.05 -16.84
CA GLU A 197 -3.01 -30.10 -16.82
C GLU A 197 -4.34 -30.83 -16.58
N SER A 198 -5.16 -30.38 -15.65
CA SER A 198 -6.38 -31.04 -15.18
C SER A 198 -7.57 -30.67 -16.06
N GLN A 199 -7.54 -29.75 -16.87
CA GLN A 199 -8.66 -29.39 -17.72
C GLN A 199 -8.38 -29.50 -19.19
N GLN A 200 -9.17 -30.33 -19.89
CA GLN A 200 -8.98 -30.54 -21.32
C GLN A 200 -9.08 -29.23 -22.06
N SER A 201 -9.98 -28.34 -21.62
CA SER A 201 -10.22 -27.09 -22.33
C SER A 201 -8.98 -26.17 -22.33
N ARG A 202 -8.18 -26.29 -21.28
CA ARG A 202 -6.98 -25.50 -21.14
C ARG A 202 -5.88 -26.08 -22.04
N ILE A 203 -5.78 -27.39 -22.07
CA ILE A 203 -4.92 -28.03 -23.07
C ILE A 203 -5.31 -27.56 -24.47
N ASP A 204 -6.60 -27.56 -24.78
CA ASP A 204 -7.05 -27.12 -26.10
C ASP A 204 -6.64 -25.67 -26.43
N PHE A 205 -6.78 -24.78 -25.46
CA PHE A 205 -6.43 -23.37 -25.63
C PHE A 205 -4.93 -23.21 -25.97
N ARG A 206 -4.08 -23.97 -25.26
CA ARG A 206 -2.63 -23.94 -25.53
C ARG A 206 -2.32 -24.51 -26.92
N LEU A 207 -3.06 -25.51 -27.35
CA LEU A 207 -2.85 -26.06 -28.71
C LEU A 207 -3.29 -25.04 -29.77
N GLU A 208 -4.43 -24.40 -29.53
CA GLU A 208 -5.00 -23.43 -30.42
C GLU A 208 -4.10 -22.22 -30.58
N THR A 209 -3.39 -21.89 -29.50
CA THR A 209 -2.50 -20.71 -29.51
C THR A 209 -1.06 -21.08 -29.82
N ARG A 210 -0.81 -22.39 -30.03
CA ARG A 210 0.50 -22.91 -30.47
C ARG A 210 1.58 -22.70 -29.41
N TYR A 211 1.14 -22.80 -28.14
CA TYR A 211 2.03 -22.81 -26.98
C TYR A 211 2.46 -24.21 -26.53
N VAL A 212 1.73 -25.24 -26.93
CA VAL A 212 2.09 -26.61 -26.69
C VAL A 212 1.99 -27.39 -27.99
N ASP A 213 2.82 -28.42 -28.15
CA ASP A 213 2.85 -29.19 -29.40
C ASP A 213 1.85 -30.33 -29.54
N GLU A 214 1.78 -31.20 -28.55
CA GLU A 214 0.96 -32.43 -28.64
C GLU A 214 0.47 -32.87 -27.30
N GLN A 215 -0.59 -33.68 -27.32
CA GLN A 215 -1.13 -34.25 -26.12
C GLN A 215 -0.92 -35.74 -26.14
N ALA A 216 -0.38 -36.26 -25.05
CA ALA A 216 -0.20 -37.71 -24.85
C ALA A 216 -1.56 -38.35 -24.47
N THR A 217 -1.68 -39.67 -24.64
CA THR A 217 -2.98 -40.34 -24.41
C THR A 217 -3.08 -40.82 -22.97
N ASP A 218 -1.93 -40.91 -22.32
CA ASP A 218 -1.79 -41.37 -20.93
C ASP A 218 -0.35 -41.20 -20.48
N LEU A 219 -0.06 -41.51 -19.21
CA LEU A 219 1.27 -41.29 -18.66
C LEU A 219 2.32 -42.15 -19.35
N ASP A 220 2.00 -43.42 -19.61
CA ASP A 220 2.98 -44.31 -20.26
C ASP A 220 3.36 -43.75 -21.61
N ASP A 221 2.36 -43.31 -22.35
CA ASP A 221 2.54 -42.75 -23.69
C ASP A 221 3.33 -41.45 -23.64
N ALA A 222 3.02 -40.62 -22.65
CA ALA A 222 3.81 -39.38 -22.46
C ALA A 222 5.28 -39.70 -22.32
N LEU A 223 5.58 -40.71 -21.53
CA LEU A 223 6.97 -41.06 -21.27
C LEU A 223 7.63 -41.68 -22.49
N VAL A 224 6.87 -42.40 -23.28
CA VAL A 224 7.40 -42.89 -24.58
C VAL A 224 7.83 -41.74 -25.48
N ARG A 225 6.99 -40.70 -25.58
CA ARG A 225 7.25 -39.52 -26.39
C ARG A 225 8.45 -38.74 -25.86
N ILE A 226 8.51 -38.52 -24.55
CA ILE A 226 9.70 -37.83 -23.98
C ILE A 226 11.00 -38.62 -24.30
N ALA A 227 10.94 -39.92 -24.13
CA ALA A 227 12.11 -40.78 -24.37
C ALA A 227 12.56 -40.67 -25.83
N LYS A 228 11.62 -40.68 -26.75
CA LYS A 228 11.93 -40.65 -28.18
C LYS A 228 12.51 -39.30 -28.53
N TYR A 229 11.80 -38.22 -28.18
CA TYR A 229 12.16 -36.89 -28.66
C TYR A 229 13.46 -36.39 -28.04
N THR A 230 13.71 -36.71 -26.76
CA THR A 230 14.99 -36.35 -26.14
C THR A 230 16.14 -37.12 -26.79
N ALA A 231 15.97 -38.41 -27.00
CA ALA A 231 16.99 -39.21 -27.73
C ALA A 231 17.36 -38.64 -29.10
N GLU A 232 16.39 -38.04 -29.79
CA GLU A 232 16.59 -37.47 -31.13
C GLU A 232 17.06 -36.02 -31.07
N GLY A 233 17.14 -35.48 -29.86
CA GLY A 233 17.55 -34.10 -29.67
C GLY A 233 16.56 -33.06 -30.15
N LYS A 234 15.29 -33.43 -30.21
CA LYS A 234 14.26 -32.49 -30.58
C LYS A 234 13.75 -31.83 -29.31
N ALA A 235 13.01 -30.73 -29.49
CA ALA A 235 12.49 -29.95 -28.36
C ALA A 235 10.99 -29.83 -28.54
N ILE A 236 10.29 -30.82 -28.02
CA ILE A 236 8.87 -30.93 -28.20
C ILE A 236 8.16 -30.91 -26.84
N SER A 237 7.10 -30.14 -26.78
CA SER A 237 6.29 -30.02 -25.57
C SER A 237 5.08 -30.96 -25.59
N ILE A 238 4.87 -31.67 -24.48
CA ILE A 238 3.81 -32.69 -24.41
C ILE A 238 2.88 -32.26 -23.30
N ALA A 239 1.58 -32.20 -23.59
CA ALA A 239 0.54 -32.01 -22.56
C ALA A 239 0.01 -33.36 -22.11
N LEU A 240 -0.22 -33.51 -20.80
CA LEU A 240 -0.83 -34.73 -20.26
C LEU A 240 -1.99 -34.34 -19.38
N HIS A 241 -3.18 -34.83 -19.69
CA HIS A 241 -4.40 -34.49 -18.95
C HIS A 241 -4.39 -35.30 -17.65
N GLY A 242 -4.35 -34.61 -16.52
CA GLY A 242 -4.32 -35.31 -15.24
C GLY A 242 -4.03 -34.35 -14.11
N ASN A 243 -3.73 -34.92 -12.95
CA ASN A 243 -3.51 -34.14 -11.75
C ASN A 243 -2.07 -34.27 -11.26
N ALA A 244 -1.38 -33.15 -11.08
CA ALA A 244 0.05 -33.17 -10.72
C ALA A 244 0.29 -33.86 -9.38
N ALA A 245 -0.67 -33.73 -8.46
CA ALA A 245 -0.60 -34.30 -7.12
C ALA A 245 -0.70 -35.82 -7.15
N GLU A 246 -1.19 -36.37 -8.26
CA GLU A 246 -1.19 -37.80 -8.49
C GLU A 246 0.01 -38.24 -9.31
N ILE A 247 0.29 -37.53 -10.39
CA ILE A 247 1.32 -37.93 -11.36
C ILE A 247 2.75 -37.74 -10.87
N LEU A 248 3.04 -36.62 -10.23
CA LEU A 248 4.40 -36.43 -9.74
C LEU A 248 4.80 -37.50 -8.73
N PRO A 249 3.97 -37.82 -7.72
CA PRO A 249 4.35 -38.89 -6.79
C PRO A 249 4.50 -40.25 -7.47
N GLU A 250 3.72 -40.51 -8.51
CA GLU A 250 3.81 -41.75 -9.26
C GLU A 250 5.14 -41.79 -10.01
N LEU A 251 5.54 -40.68 -10.62
CA LEU A 251 6.81 -40.65 -11.33
C LEU A 251 7.97 -40.87 -10.36
N VAL A 252 7.88 -40.31 -9.15
CA VAL A 252 8.89 -40.54 -8.13
C VAL A 252 8.94 -42.05 -7.82
N LYS A 253 7.80 -42.67 -7.63
CA LYS A 253 7.68 -44.11 -7.33
C LYS A 253 8.31 -45.00 -8.41
N ARG A 254 8.23 -44.53 -9.66
CA ARG A 254 8.76 -45.26 -10.82
C ARG A 254 10.22 -45.03 -11.04
N GLY A 255 10.80 -44.07 -10.32
CA GLY A 255 12.19 -43.71 -10.46
C GLY A 255 12.45 -42.94 -11.73
N VAL A 256 11.44 -42.27 -12.28
CA VAL A 256 11.61 -41.42 -13.46
C VAL A 256 12.33 -40.15 -13.05
N ARG A 257 13.34 -39.76 -13.83
CA ARG A 257 14.23 -38.66 -13.53
C ARG A 257 14.13 -37.61 -14.61
N PRO A 258 13.33 -36.57 -14.39
CA PRO A 258 13.32 -35.41 -15.28
C PRO A 258 14.59 -34.60 -15.07
N ASP A 259 14.92 -33.74 -16.01
CA ASP A 259 16.11 -32.92 -15.89
C ASP A 259 15.89 -31.62 -15.16
N MET A 260 14.65 -31.17 -15.09
CA MET A 260 14.26 -30.14 -14.11
C MET A 260 12.80 -30.27 -13.77
N VAL A 261 12.45 -29.84 -12.55
CA VAL A 261 11.10 -29.95 -12.01
C VAL A 261 10.67 -28.61 -11.45
N THR A 262 9.47 -28.18 -11.84
CA THR A 262 8.85 -27.01 -11.28
C THR A 262 7.33 -27.22 -11.29
N ASP A 263 6.59 -26.15 -11.01
CA ASP A 263 5.17 -26.16 -11.04
C ASP A 263 4.61 -24.78 -11.27
N GLN A 264 3.51 -24.74 -12.03
CA GLN A 264 2.79 -23.47 -12.16
C GLN A 264 1.27 -23.63 -12.18
N THR A 265 0.79 -24.52 -11.32
CA THR A 265 -0.63 -24.53 -11.01
C THR A 265 -0.99 -23.27 -10.25
N SER A 266 -2.29 -23.02 -10.09
CA SER A 266 -2.75 -21.84 -9.35
C SER A 266 -2.89 -22.14 -7.88
N ALA A 267 -1.77 -22.60 -7.30
CA ALA A 267 -1.69 -22.96 -5.92
C ALA A 267 -1.86 -21.79 -4.98
N HIS A 268 -1.78 -20.56 -5.52
CA HIS A 268 -1.83 -19.35 -4.67
C HIS A 268 -3.24 -19.17 -4.09
N ASP A 269 -4.21 -19.84 -4.69
CA ASP A 269 -5.62 -19.71 -4.30
C ASP A 269 -6.22 -21.12 -4.14
N PRO A 270 -6.04 -21.72 -2.98
CA PRO A 270 -6.52 -23.10 -2.73
C PRO A 270 -8.00 -23.33 -3.02
N LEU A 271 -8.87 -22.34 -2.82
CA LEU A 271 -10.30 -22.49 -3.12
C LEU A 271 -10.60 -22.61 -4.62
N ASN A 272 -9.90 -21.85 -5.47
CA ASN A 272 -10.26 -21.75 -6.89
C ASN A 272 -9.26 -22.26 -7.92
N GLY A 273 -8.00 -22.41 -7.56
CA GLY A 273 -6.97 -22.62 -8.55
C GLY A 273 -6.20 -23.93 -8.47
N TYR A 274 -6.56 -24.85 -7.55
CA TYR A 274 -5.77 -26.06 -7.37
C TYR A 274 -6.64 -27.28 -7.09
N LEU A 275 -6.64 -28.19 -8.05
CA LEU A 275 -7.50 -29.35 -8.00
C LEU A 275 -7.00 -30.42 -7.01
N PRO A 276 -7.76 -30.76 -5.97
CA PRO A 276 -7.31 -31.84 -5.07
C PRO A 276 -7.23 -33.16 -5.81
N ALA A 277 -6.30 -34.01 -5.39
CA ALA A 277 -6.14 -35.35 -5.98
C ALA A 277 -7.42 -36.15 -6.00
N GLY A 278 -7.76 -36.67 -7.16
CA GLY A 278 -8.92 -37.55 -7.28
C GLY A 278 -10.19 -36.82 -7.64
N TRP A 279 -10.21 -35.51 -7.49
CA TRP A 279 -11.42 -34.74 -7.81
C TRP A 279 -11.46 -34.38 -9.31
N THR A 280 -12.63 -34.03 -9.84
CA THR A 280 -12.71 -33.41 -11.16
C THR A 280 -12.82 -31.93 -10.96
N TRP A 281 -12.51 -31.19 -12.01
CA TRP A 281 -12.65 -29.75 -11.95
C TRP A 281 -14.08 -29.33 -11.66
N GLU A 282 -15.04 -30.13 -12.16
CA GLU A 282 -16.44 -29.80 -11.98
C GLU A 282 -16.86 -30.04 -10.53
N GLN A 283 -16.38 -31.12 -9.93
CA GLN A 283 -16.63 -31.34 -8.50
C GLN A 283 -16.06 -30.20 -7.66
N TYR A 284 -14.86 -29.78 -8.06
CA TYR A 284 -14.09 -28.77 -7.35
C TYR A 284 -14.82 -27.42 -7.35
N ARG A 285 -15.24 -27.00 -8.53
CA ARG A 285 -15.96 -25.75 -8.70
C ARG A 285 -17.30 -25.75 -7.93
N ASP A 286 -18.02 -26.87 -7.97
CA ASP A 286 -19.27 -26.94 -7.20
C ASP A 286 -19.08 -26.94 -5.71
N ARG A 287 -18.14 -27.73 -5.20
CA ARG A 287 -18.00 -27.88 -3.78
C ARG A 287 -17.38 -26.62 -3.15
N ALA A 288 -16.66 -25.84 -3.96
CA ALA A 288 -16.13 -24.58 -3.45
C ALA A 288 -17.24 -23.63 -3.01
N GLN A 289 -18.43 -23.82 -3.57
CA GLN A 289 -19.61 -23.02 -3.16
C GLN A 289 -20.26 -23.54 -1.87
N THR A 290 -20.28 -24.85 -1.71
CA THR A 290 -20.96 -25.52 -0.60
C THR A 290 -20.12 -25.58 0.68
N GLU A 291 -18.86 -25.95 0.51
CA GLU A 291 -17.99 -26.32 1.60
C GLU A 291 -16.59 -25.70 1.32
N PRO A 292 -16.47 -24.38 1.22
CA PRO A 292 -15.15 -23.79 0.90
C PRO A 292 -14.04 -24.19 1.83
N ALA A 293 -14.35 -24.31 3.13
CA ALA A 293 -13.29 -24.59 4.07
C ALA A 293 -12.75 -25.99 3.85
N ALA A 294 -13.62 -26.95 3.54
CA ALA A 294 -13.21 -28.31 3.31
C ALA A 294 -12.47 -28.41 1.98
N VAL A 295 -12.87 -27.60 1.00
CA VAL A 295 -12.22 -27.59 -0.32
C VAL A 295 -10.78 -27.07 -0.17
N VAL A 296 -10.63 -25.99 0.57
CA VAL A 296 -9.30 -25.43 0.83
C VAL A 296 -8.40 -26.46 1.46
N LYS A 297 -8.91 -27.14 2.50
CA LYS A 297 -8.10 -28.13 3.19
C LYS A 297 -7.70 -29.26 2.25
N ALA A 298 -8.65 -29.74 1.45
CA ALA A 298 -8.37 -30.84 0.53
C ALA A 298 -7.30 -30.39 -0.51
N ALA A 299 -7.40 -29.15 -0.98
CA ALA A 299 -6.43 -28.60 -1.94
C ALA A 299 -5.06 -28.49 -1.35
N LYS A 300 -4.95 -27.92 -0.15
CA LYS A 300 -3.67 -27.77 0.52
C LYS A 300 -3.06 -29.14 0.85
N GLN A 301 -3.89 -30.12 1.19
CA GLN A 301 -3.40 -31.45 1.49
C GLN A 301 -2.73 -32.11 0.27
N SER A 302 -3.29 -31.83 -0.88
CA SER A 302 -2.73 -32.30 -2.15
C SER A 302 -1.47 -31.54 -2.53
N MET A 303 -1.46 -30.23 -2.24
CA MET A 303 -0.25 -29.45 -2.47
C MET A 303 0.92 -30.02 -1.62
N ALA A 304 0.64 -30.51 -0.43
CA ALA A 304 1.69 -31.08 0.44
C ALA A 304 2.31 -32.33 -0.20
N VAL A 305 1.46 -33.18 -0.74
CA VAL A 305 1.86 -34.38 -1.45
C VAL A 305 2.68 -34.03 -2.70
N HIS A 306 2.20 -33.03 -3.42
CA HIS A 306 2.84 -32.55 -4.65
C HIS A 306 4.24 -32.00 -4.34
N VAL A 307 4.32 -31.18 -3.30
CA VAL A 307 5.60 -30.58 -2.93
C VAL A 307 6.55 -31.64 -2.41
N GLN A 308 6.03 -32.63 -1.70
CA GLN A 308 6.90 -33.71 -1.24
C GLN A 308 7.52 -34.44 -2.41
N ALA A 309 6.75 -34.64 -3.46
CA ALA A 309 7.33 -35.24 -4.66
C ALA A 309 8.38 -34.35 -5.25
N MET A 310 8.12 -33.05 -5.33
CA MET A 310 9.15 -32.11 -5.79
C MET A 310 10.43 -32.23 -4.97
N LEU A 311 10.29 -32.31 -3.65
CA LEU A 311 11.42 -32.48 -2.74
C LEU A 311 12.14 -33.82 -3.00
N ASP A 312 11.39 -34.86 -3.27
CA ASP A 312 11.96 -36.17 -3.58
C ASP A 312 12.75 -36.17 -4.85
N PHE A 313 12.29 -35.47 -5.89
CA PHE A 313 13.09 -35.31 -7.11
C PHE A 313 14.39 -34.58 -6.76
N GLN A 314 14.30 -33.51 -5.97
CA GLN A 314 15.47 -32.72 -5.64
C GLN A 314 16.51 -33.58 -4.92
N LYS A 315 16.05 -34.45 -4.06
CA LYS A 315 16.94 -35.34 -3.31
C LYS A 315 17.69 -36.30 -4.22
N GLN A 316 17.08 -36.61 -5.36
CA GLN A 316 17.73 -37.40 -6.40
C GLN A 316 18.67 -36.58 -7.31
N GLY A 317 18.84 -35.29 -7.01
CA GLY A 317 19.77 -34.44 -7.73
C GLY A 317 19.16 -33.71 -8.91
N VAL A 318 17.84 -33.78 -9.01
CA VAL A 318 17.18 -33.05 -10.08
C VAL A 318 16.98 -31.58 -9.70
N PRO A 319 17.48 -30.68 -10.53
CA PRO A 319 17.20 -29.25 -10.34
C PRO A 319 15.70 -28.99 -10.22
N THR A 320 15.33 -28.47 -9.08
CA THR A 320 13.95 -28.18 -8.70
C THR A 320 13.81 -26.78 -8.19
N PHE A 321 12.76 -26.06 -8.61
CA PHE A 321 12.51 -24.71 -8.17
C PHE A 321 11.02 -24.37 -8.18
N ASP A 322 10.70 -23.33 -7.42
CA ASP A 322 9.38 -22.81 -7.29
C ASP A 322 9.21 -21.69 -8.31
N TYR A 323 8.19 -21.79 -9.13
CA TYR A 323 7.94 -20.82 -10.20
C TYR A 323 6.73 -19.91 -9.90
N GLY A 324 6.61 -19.56 -8.62
CA GLY A 324 6.00 -18.32 -8.23
C GLY A 324 4.50 -18.39 -8.02
N ASN A 325 4.02 -19.52 -7.48
CA ASN A 325 2.60 -19.75 -7.22
C ASN A 325 2.31 -20.03 -5.72
N ASN A 326 3.30 -19.80 -4.88
CA ASN A 326 3.23 -19.97 -3.43
C ASN A 326 2.99 -21.39 -2.92
N ILE A 327 3.25 -22.38 -3.74
CA ILE A 327 2.94 -23.76 -3.39
C ILE A 327 3.75 -24.25 -2.19
N ARG A 328 4.98 -23.75 -2.03
CA ARG A 328 5.80 -24.15 -0.90
C ARG A 328 5.15 -23.72 0.42
N GLN A 329 4.63 -22.51 0.42
CA GLN A 329 4.01 -21.95 1.59
C GLN A 329 2.80 -22.79 2.02
N MET A 330 2.02 -23.22 1.03
CA MET A 330 0.79 -23.98 1.30
C MET A 330 1.17 -25.35 1.87
N ALA A 331 2.19 -25.97 1.30
CA ALA A 331 2.65 -27.26 1.76
C ALA A 331 3.18 -27.15 3.16
N LYS A 332 3.93 -26.10 3.44
CA LYS A 332 4.49 -25.90 4.77
C LYS A 332 3.39 -25.79 5.81
N GLU A 333 2.36 -25.04 5.49
CA GLU A 333 1.20 -24.86 6.40
C GLU A 333 0.49 -26.21 6.66
N GLU A 334 0.62 -27.16 5.73
CA GLU A 334 0.00 -28.47 5.83
C GLU A 334 1.02 -29.49 6.35
N GLY A 335 2.16 -29.02 6.86
CA GLY A 335 3.08 -29.83 7.61
C GLY A 335 4.34 -30.31 6.92
N VAL A 336 4.65 -29.78 5.72
CA VAL A 336 5.86 -30.11 5.02
C VAL A 336 6.89 -29.11 5.46
N ALA A 337 7.57 -29.40 6.58
CA ALA A 337 8.35 -28.36 7.24
C ALA A 337 9.53 -27.85 6.41
N ASN A 338 10.01 -28.70 5.52
CA ASN A 338 11.18 -28.41 4.66
C ASN A 338 10.74 -28.04 3.23
N ALA A 339 9.52 -27.54 3.11
CA ALA A 339 9.00 -27.16 1.80
C ALA A 339 9.94 -26.16 1.07
N PHE A 340 10.61 -25.30 1.84
CA PHE A 340 11.49 -24.28 1.27
C PHE A 340 12.91 -24.75 1.02
N ASP A 341 13.14 -26.06 1.04
CA ASP A 341 14.47 -26.63 0.68
C ASP A 341 14.79 -26.51 -0.81
N PHE A 342 13.78 -26.22 -1.64
CA PHE A 342 14.08 -25.79 -3.05
C PHE A 342 13.70 -24.31 -3.21
N PRO A 343 14.50 -23.57 -3.98
CA PRO A 343 14.37 -22.10 -4.01
C PRO A 343 13.37 -21.55 -4.99
N GLY A 344 12.98 -20.31 -4.81
CA GLY A 344 12.25 -19.63 -5.87
C GLY A 344 13.14 -19.28 -7.06
N PHE A 345 12.49 -19.17 -8.20
CA PHE A 345 13.19 -18.85 -9.45
C PHE A 345 13.92 -17.50 -9.47
N VAL A 346 13.45 -16.52 -8.71
CA VAL A 346 14.11 -15.21 -8.70
C VAL A 346 15.45 -15.23 -7.96
N PRO A 347 15.52 -15.64 -6.70
CA PRO A 347 16.85 -15.79 -6.06
C PRO A 347 17.77 -16.79 -6.77
N ALA A 348 17.21 -17.86 -7.30
CA ALA A 348 18.02 -18.86 -7.99
C ALA A 348 18.60 -18.40 -9.32
N TYR A 349 17.81 -17.71 -10.12
CA TYR A 349 18.14 -17.53 -11.53
C TYR A 349 18.04 -16.10 -12.04
N ILE A 350 16.95 -15.39 -11.70
CA ILE A 350 16.57 -14.15 -12.36
C ILE A 350 17.02 -12.85 -11.68
N ARG A 351 17.31 -12.88 -10.39
CA ARG A 351 17.67 -11.67 -9.67
C ARG A 351 18.75 -10.79 -10.31
N PRO A 352 19.79 -11.37 -10.89
CA PRO A 352 20.79 -10.56 -11.58
C PRO A 352 20.25 -9.63 -12.68
N LEU A 353 19.23 -10.06 -13.42
CA LEU A 353 18.56 -9.26 -14.43
C LEU A 353 17.82 -8.09 -13.73
N PHE A 354 17.10 -8.40 -12.65
CA PHE A 354 16.41 -7.35 -11.90
C PHE A 354 17.41 -6.28 -11.38
N CYS A 355 18.68 -6.67 -11.11
CA CYS A 355 19.66 -5.74 -10.57
C CYS A 355 20.04 -4.71 -11.60
N ARG A 356 19.78 -4.99 -12.88
CA ARG A 356 19.97 -4.01 -13.95
C ARG A 356 18.66 -3.40 -14.46
N GLY A 357 17.58 -3.66 -13.74
CA GLY A 357 16.29 -3.12 -14.09
C GLY A 357 15.63 -3.89 -15.22
N VAL A 358 16.19 -5.05 -15.58
CA VAL A 358 15.66 -5.85 -16.66
C VAL A 358 14.45 -6.66 -16.17
N GLY A 359 13.40 -6.72 -16.98
CA GLY A 359 12.18 -7.43 -16.56
C GLY A 359 11.19 -7.40 -17.70
N PRO A 360 9.95 -7.84 -17.45
CA PRO A 360 8.96 -8.07 -18.49
C PRO A 360 8.32 -6.84 -19.09
N PHE A 361 9.17 -5.93 -19.53
CA PHE A 361 8.84 -4.79 -20.39
C PHE A 361 8.10 -5.28 -21.66
N ARG A 362 7.06 -4.55 -22.06
CA ARG A 362 6.20 -4.95 -23.14
C ARG A 362 5.48 -3.78 -23.74
N TRP A 363 4.97 -3.99 -24.94
CA TRP A 363 4.14 -2.98 -25.60
C TRP A 363 3.11 -3.64 -26.50
N ALA A 364 2.05 -2.89 -26.81
CA ALA A 364 0.93 -3.35 -27.63
C ALA A 364 0.52 -2.27 -28.61
N ALA A 365 0.11 -2.72 -29.79
CA ALA A 365 -0.30 -1.84 -30.87
C ALA A 365 -1.80 -1.66 -30.79
N LEU A 366 -2.22 -0.46 -30.43
CA LEU A 366 -3.64 -0.18 -30.30
C LEU A 366 -4.37 -0.28 -31.64
N SER A 367 -3.63 -0.11 -32.73
CA SER A 367 -4.21 -0.26 -34.07
C SER A 367 -4.79 -1.63 -34.35
N GLY A 368 -4.23 -2.65 -33.70
CA GLY A 368 -4.54 -4.03 -34.03
C GLY A 368 -3.66 -4.63 -35.12
N GLU A 369 -2.78 -3.83 -35.68
CA GLU A 369 -2.00 -4.24 -36.85
C GLU A 369 -0.74 -5.01 -36.47
N ALA A 370 -0.65 -6.24 -36.93
CA ALA A 370 0.57 -7.06 -36.71
C ALA A 370 1.83 -6.33 -37.19
N GLU A 371 1.75 -5.66 -38.34
CA GLU A 371 2.90 -4.93 -38.87
C GLU A 371 3.38 -3.76 -38.00
N ASP A 372 2.53 -3.18 -37.18
CA ASP A 372 3.02 -2.22 -36.21
C ASP A 372 4.03 -2.88 -35.25
N ILE A 373 3.72 -4.06 -34.74
CA ILE A 373 4.69 -4.77 -33.90
C ILE A 373 5.94 -5.18 -34.66
N TYR A 374 5.78 -5.73 -35.86
CA TYR A 374 6.98 -6.07 -36.64
C TYR A 374 7.89 -4.87 -36.87
N LYS A 375 7.30 -3.69 -37.12
CA LYS A 375 8.09 -2.48 -37.29
C LYS A 375 8.82 -2.12 -35.97
N THR A 376 8.15 -2.26 -34.82
CA THR A 376 8.85 -2.05 -33.54
C THR A 376 9.99 -3.05 -33.36
N ASP A 377 9.81 -4.31 -33.73
CA ASP A 377 10.87 -5.32 -33.57
C ASP A 377 12.10 -4.84 -34.34
N ALA A 378 11.88 -4.37 -35.58
CA ALA A 378 13.02 -3.93 -36.41
C ALA A 378 13.69 -2.71 -35.79
N LYS A 379 12.91 -1.83 -35.16
CA LYS A 379 13.46 -0.66 -34.49
C LYS A 379 14.29 -1.05 -33.27
N VAL A 380 13.84 -2.01 -32.49
CA VAL A 380 14.59 -2.46 -31.34
C VAL A 380 15.95 -2.99 -31.81
N LYS A 381 15.95 -3.79 -32.88
CA LYS A 381 17.23 -4.37 -33.36
C LYS A 381 18.19 -3.26 -33.77
N GLU A 382 17.64 -2.19 -34.35
CA GLU A 382 18.45 -1.05 -34.77
C GLU A 382 19.05 -0.32 -33.56
N LEU A 383 18.25 -0.17 -32.50
CA LEU A 383 18.65 0.58 -31.32
C LEU A 383 19.50 -0.24 -30.32
N ILE A 384 19.47 -1.55 -30.48
CA ILE A 384 20.25 -2.44 -29.63
C ILE A 384 20.99 -3.37 -30.59
N PRO A 385 21.91 -2.82 -31.36
CA PRO A 385 22.54 -3.59 -32.45
C PRO A 385 23.46 -4.73 -31.98
N ASP A 386 23.96 -4.66 -30.75
CA ASP A 386 25.04 -5.57 -30.32
C ASP A 386 24.65 -6.55 -29.22
N ASP A 387 23.37 -6.91 -29.16
CA ASP A 387 22.95 -7.92 -28.20
C ASP A 387 22.32 -9.07 -28.93
N ALA A 388 23.12 -10.07 -29.27
CA ALA A 388 22.60 -11.19 -30.04
C ALA A 388 21.52 -11.96 -29.30
N HIS A 389 21.59 -12.04 -27.98
CA HIS A 389 20.60 -12.80 -27.24
C HIS A 389 19.23 -12.13 -27.46
N LEU A 390 19.22 -10.81 -27.47
CA LEU A 390 18.00 -10.04 -27.61
C LEU A 390 17.51 -10.16 -29.04
N HIS A 391 18.41 -10.05 -30.00
CA HIS A 391 17.99 -10.25 -31.41
C HIS A 391 17.40 -11.64 -31.60
N ARG A 392 17.97 -12.62 -30.96
CA ARG A 392 17.51 -14.01 -31.09
C ARG A 392 16.14 -14.15 -30.42
N TRP A 393 15.93 -13.44 -29.31
CA TRP A 393 14.61 -13.41 -28.65
C TRP A 393 13.58 -12.91 -29.65
N LEU A 394 13.88 -11.80 -30.33
CA LEU A 394 12.88 -11.17 -31.18
C LEU A 394 12.64 -12.05 -32.43
N ASP A 395 13.67 -12.77 -32.86
CA ASP A 395 13.54 -13.71 -33.96
C ASP A 395 12.62 -14.86 -33.53
N MET A 396 12.84 -15.40 -32.34
CA MET A 396 12.01 -16.50 -31.82
C MET A 396 10.58 -16.06 -31.61
N ALA A 397 10.41 -14.83 -31.17
CA ALA A 397 9.06 -14.30 -30.94
C ALA A 397 8.33 -14.17 -32.29
N ARG A 398 8.99 -13.61 -33.29
CA ARG A 398 8.42 -13.54 -34.63
C ARG A 398 8.06 -14.90 -35.22
N GLU A 399 8.91 -15.87 -34.96
CA GLU A 399 8.79 -17.21 -35.55
C GLU A 399 7.85 -18.14 -34.78
N ARG A 400 7.70 -17.97 -33.45
CA ARG A 400 7.04 -18.98 -32.64
C ARG A 400 5.97 -18.45 -31.68
N ILE A 401 5.84 -17.11 -31.58
CA ILE A 401 4.80 -16.51 -30.77
C ILE A 401 3.73 -15.90 -31.66
N SER A 402 2.56 -16.52 -31.66
CA SER A 402 1.39 -15.92 -32.33
C SER A 402 0.68 -14.95 -31.43
N PHE A 403 0.29 -13.81 -32.01
CA PHE A 403 -0.44 -12.76 -31.30
C PHE A 403 -1.77 -13.30 -30.79
N GLN A 404 -2.18 -12.76 -29.65
CA GLN A 404 -3.49 -12.97 -29.06
C GLN A 404 -4.12 -11.59 -28.80
N GLY A 405 -5.31 -11.35 -29.37
CA GLY A 405 -5.90 -10.03 -29.28
C GLY A 405 -5.03 -9.03 -30.02
N LEU A 406 -4.95 -7.83 -29.50
CA LEU A 406 -4.07 -6.78 -30.00
C LEU A 406 -2.66 -7.28 -30.11
N PRO A 407 -2.06 -7.18 -31.29
CA PRO A 407 -0.63 -7.52 -31.39
C PRO A 407 0.20 -6.80 -30.31
N ALA A 408 1.08 -7.56 -29.68
CA ALA A 408 1.89 -7.09 -28.57
C ALA A 408 3.25 -7.79 -28.56
N ARG A 409 4.23 -7.23 -27.87
CA ARG A 409 5.55 -7.85 -27.74
C ARG A 409 6.07 -7.83 -26.32
N ILE A 410 6.57 -8.97 -25.87
CA ILE A 410 7.37 -9.05 -24.66
C ILE A 410 8.86 -8.90 -25.10
N CYS A 411 9.60 -8.08 -24.38
CA CYS A 411 11.01 -7.86 -24.69
C CYS A 411 11.72 -7.35 -23.47
N TRP A 412 12.46 -8.22 -22.80
CA TRP A 412 13.10 -7.91 -21.56
C TRP A 412 14.31 -6.96 -21.80
N VAL A 413 14.19 -5.75 -21.27
CA VAL A 413 15.27 -4.75 -21.29
C VAL A 413 15.16 -3.97 -20.01
N GLY A 414 16.26 -3.31 -19.66
CA GLY A 414 16.39 -2.68 -18.36
C GLY A 414 16.63 -1.20 -18.40
N LEU A 415 17.26 -0.70 -17.33
CA LEU A 415 17.45 0.72 -17.13
C LEU A 415 18.37 1.28 -18.19
N GLY A 416 17.90 2.32 -18.85
CA GLY A 416 18.56 2.97 -19.97
C GLY A 416 17.84 2.74 -21.26
N LEU A 417 17.76 1.46 -21.65
CA LEU A 417 17.15 1.05 -22.90
C LEU A 417 15.62 1.20 -22.96
N ARG A 418 14.94 1.13 -21.81
CA ARG A 418 13.50 1.26 -21.85
C ARG A 418 13.10 2.61 -22.42
N ALA A 419 13.75 3.68 -21.94
CA ALA A 419 13.41 5.05 -22.33
C ALA A 419 13.83 5.24 -23.79
N LYS A 420 14.95 4.64 -24.19
CA LYS A 420 15.42 4.78 -25.58
C LYS A 420 14.38 4.21 -26.53
N LEU A 421 13.90 3.02 -26.20
CA LEU A 421 12.84 2.35 -26.95
C LEU A 421 11.53 3.17 -26.96
N GLY A 422 11.13 3.64 -25.81
CA GLY A 422 9.85 4.32 -25.75
C GLY A 422 9.87 5.61 -26.54
N LEU A 423 10.95 6.36 -26.46
CA LEU A 423 11.03 7.63 -27.22
C LEU A 423 11.04 7.34 -28.72
N ALA A 424 11.73 6.27 -29.13
CA ALA A 424 11.74 5.88 -30.53
C ALA A 424 10.35 5.44 -31.04
N PHE A 425 9.62 4.69 -30.22
CA PHE A 425 8.30 4.26 -30.61
C PHE A 425 7.41 5.50 -30.73
N ASN A 426 7.56 6.44 -29.80
CA ASN A 426 6.75 7.67 -29.85
C ASN A 426 7.06 8.41 -31.14
N GLU A 427 8.34 8.46 -31.52
CA GLU A 427 8.75 9.07 -32.82
C GLU A 427 8.06 8.41 -34.00
N MET A 428 8.00 7.08 -33.98
CA MET A 428 7.36 6.30 -35.06
C MET A 428 5.87 6.51 -35.17
N VAL A 429 5.21 6.76 -34.04
CA VAL A 429 3.81 7.13 -34.09
C VAL A 429 3.67 8.52 -34.76
N ARG A 430 4.51 9.45 -34.35
CA ARG A 430 4.44 10.82 -34.88
C ARG A 430 4.63 10.84 -36.39
N SER A 431 5.55 10.02 -36.87
CA SER A 431 5.93 10.01 -38.26
C SER A 431 4.92 9.28 -39.11
N GLY A 432 4.06 8.48 -38.49
CA GLY A 432 3.12 7.67 -39.24
C GLY A 432 3.69 6.30 -39.60
N GLU A 433 4.93 6.00 -39.21
CA GLU A 433 5.47 4.66 -39.46
C GLU A 433 4.56 3.62 -38.78
N LEU A 434 4.22 3.87 -37.51
CA LEU A 434 3.18 3.10 -36.85
C LEU A 434 1.82 3.72 -37.14
N SER A 435 0.83 2.87 -37.36
CA SER A 435 -0.49 3.30 -37.79
C SER A 435 -1.34 3.97 -36.70
N ALA A 436 -1.01 3.70 -35.43
CA ALA A 436 -1.77 4.27 -34.32
C ALA A 436 -0.85 4.24 -33.08
N PRO A 437 -1.23 4.94 -32.02
CA PRO A 437 -0.42 4.92 -30.79
C PRO A 437 -0.19 3.52 -30.27
N VAL A 438 0.88 3.38 -29.52
CA VAL A 438 1.18 2.12 -28.82
C VAL A 438 1.19 2.38 -27.32
N VAL A 439 1.01 1.32 -26.55
CA VAL A 439 1.10 1.43 -25.09
C VAL A 439 2.29 0.64 -24.63
N ILE A 440 3.03 1.17 -23.66
CA ILE A 440 4.20 0.51 -23.09
C ILE A 440 3.86 0.21 -21.65
N GLY A 441 4.14 -1.02 -21.23
CA GLY A 441 3.91 -1.41 -19.87
C GLY A 441 4.87 -2.50 -19.44
N ARG A 442 4.37 -3.32 -18.55
CA ARG A 442 5.10 -4.41 -17.94
C ARG A 442 4.14 -5.23 -17.05
N ASP A 443 4.55 -6.43 -16.70
CA ASP A 443 4.01 -7.11 -15.52
C ASP A 443 4.31 -6.29 -14.26
N HIS A 444 3.63 -6.59 -13.17
CA HIS A 444 4.01 -6.07 -11.88
C HIS A 444 5.21 -6.82 -11.30
N LEU A 445 5.50 -8.01 -11.84
CA LEU A 445 6.79 -8.68 -11.60
C LEU A 445 7.85 -7.87 -12.35
N ASP A 446 8.61 -7.09 -11.61
CA ASP A 446 9.65 -6.26 -12.20
C ASP A 446 10.56 -5.74 -11.07
N SER A 447 11.70 -5.11 -11.40
CA SER A 447 12.72 -4.95 -10.37
C SER A 447 12.30 -4.05 -9.23
N GLY A 448 11.53 -3.01 -9.54
CA GLY A 448 11.19 -1.97 -8.58
C GLY A 448 9.75 -1.88 -8.11
N SER A 449 8.94 -2.87 -8.51
CA SER A 449 7.47 -2.76 -8.40
C SER A 449 6.83 -3.86 -7.53
N VAL A 450 7.61 -4.61 -6.78
CA VAL A 450 7.05 -5.74 -6.04
C VAL A 450 7.86 -6.17 -4.83
N SER A 451 7.16 -6.46 -3.75
CA SER A 451 7.69 -7.11 -2.58
C SER A 451 6.89 -8.37 -2.35
N SER A 452 7.62 -9.48 -2.25
CA SER A 452 7.05 -10.81 -2.26
C SER A 452 8.09 -11.78 -1.75
N PRO A 453 8.14 -11.99 -0.44
CA PRO A 453 9.16 -12.88 0.13
C PRO A 453 9.18 -14.34 -0.31
N ASN A 454 8.13 -14.85 -0.93
CA ASN A 454 8.16 -16.23 -1.46
C ASN A 454 8.30 -16.22 -2.99
N ARG A 455 8.66 -15.05 -3.54
CA ARG A 455 8.85 -14.92 -4.97
C ARG A 455 9.89 -13.86 -5.32
N GLU A 456 9.49 -12.68 -5.77
CA GLU A 456 10.46 -11.70 -6.29
C GLU A 456 11.51 -11.18 -5.25
N THR A 457 11.14 -11.08 -3.99
CA THR A 457 12.07 -10.67 -2.94
C THR A 457 12.43 -11.77 -1.95
N GLU A 458 12.39 -13.00 -2.42
CA GLU A 458 12.81 -14.12 -1.60
C GLU A 458 14.30 -14.06 -1.36
N ALA A 459 14.73 -14.19 -0.11
CA ALA A 459 16.15 -14.34 0.19
C ALA A 459 16.98 -13.14 -0.30
N MET A 460 16.49 -11.92 -0.04
CA MET A 460 17.29 -10.74 -0.31
C MET A 460 18.50 -10.81 0.61
N ARG A 461 19.66 -10.47 0.06
CA ARG A 461 20.92 -10.68 0.78
C ARG A 461 21.02 -9.96 2.12
N ASP A 462 20.23 -8.89 2.28
CA ASP A 462 20.19 -8.10 3.51
C ASP A 462 19.00 -8.41 4.44
N GLY A 463 18.20 -9.40 4.06
CA GLY A 463 17.03 -9.83 4.82
C GLY A 463 15.80 -8.94 4.72
N SER A 464 15.77 -8.09 3.70
CA SER A 464 14.73 -7.08 3.54
C SER A 464 13.53 -7.58 2.73
N ASP A 465 13.41 -8.91 2.61
CA ASP A 465 12.38 -9.58 1.75
C ASP A 465 10.98 -8.92 1.87
N ALA A 466 10.54 -8.69 3.10
CA ALA A 466 9.18 -8.21 3.40
C ALA A 466 8.92 -6.72 3.32
N VAL A 467 9.96 -5.92 3.10
CA VAL A 467 9.83 -4.47 3.09
C VAL A 467 9.06 -4.06 1.83
N SER A 468 7.87 -3.49 2.01
CA SER A 468 7.02 -3.17 0.88
C SER A 468 6.87 -1.66 0.63
N ASP A 469 7.77 -0.85 1.19
CA ASP A 469 7.78 0.58 0.89
C ASP A 469 8.02 0.79 -0.59
N TRP A 470 8.82 -0.08 -1.17
CA TRP A 470 9.36 0.14 -2.53
C TRP A 470 8.30 0.12 -3.64
N PRO A 471 7.43 -0.89 -3.72
CA PRO A 471 6.35 -0.82 -4.73
C PRO A 471 5.45 0.40 -4.54
N LEU A 472 5.22 0.79 -3.28
CA LEU A 472 4.36 1.96 -3.05
C LEU A 472 5.01 3.22 -3.58
N LEU A 473 6.31 3.35 -3.34
CA LEU A 473 7.07 4.47 -3.89
C LEU A 473 7.12 4.43 -5.39
N ASN A 474 7.18 3.24 -6.00
CA ASN A 474 7.20 3.10 -7.45
C ASN A 474 5.89 3.64 -8.04
N ALA A 475 4.77 3.31 -7.40
CA ALA A 475 3.47 3.78 -7.91
C ALA A 475 3.36 5.29 -7.76
N LEU A 476 3.75 5.80 -6.60
CA LEU A 476 3.71 7.26 -6.39
C LEU A 476 4.62 7.97 -7.42
N LEU A 477 5.77 7.41 -7.69
CA LEU A 477 6.71 8.03 -8.61
C LEU A 477 6.18 8.00 -10.06
N ASN A 478 5.58 6.88 -10.46
CA ASN A 478 4.98 6.74 -11.78
C ASN A 478 3.85 7.77 -11.96
N THR A 479 3.13 8.04 -10.88
CA THR A 479 2.08 9.04 -10.90
C THR A 479 2.62 10.46 -11.08
N ALA A 480 3.67 10.75 -10.35
CA ALA A 480 4.33 12.04 -10.40
C ALA A 480 4.97 12.28 -11.78
N GLY A 481 5.49 11.21 -12.41
CA GLY A 481 6.20 11.37 -13.67
C GLY A 481 5.33 11.38 -14.93
N GLY A 482 4.10 10.90 -14.83
CA GLY A 482 3.12 10.95 -15.89
C GLY A 482 2.83 9.68 -16.67
N ALA A 483 2.87 8.50 -16.05
CA ALA A 483 2.33 7.31 -16.63
C ALA A 483 0.84 7.55 -16.86
N THR A 484 0.29 6.85 -17.83
CA THR A 484 -1.09 7.08 -18.24
C THR A 484 -2.07 6.39 -17.29
N TRP A 485 -1.72 5.17 -16.85
CA TRP A 485 -2.40 4.62 -15.69
C TRP A 485 -1.46 3.87 -14.78
N VAL A 486 -1.76 3.99 -13.48
CA VAL A 486 -0.91 3.50 -12.43
C VAL A 486 -1.77 2.67 -11.50
N SER A 487 -1.20 1.59 -11.01
CA SER A 487 -1.96 0.65 -10.18
C SER A 487 -1.19 0.21 -8.96
N LEU A 488 -1.93 -0.02 -7.88
CA LEU A 488 -1.38 -0.64 -6.68
C LEU A 488 -2.25 -1.83 -6.30
N HIS A 489 -1.67 -3.01 -6.32
CA HIS A 489 -2.38 -4.26 -6.09
C HIS A 489 -1.75 -5.04 -4.90
N HIS A 490 -2.52 -5.99 -4.40
CA HIS A 490 -2.15 -6.87 -3.29
C HIS A 490 -2.42 -8.30 -3.69
N GLY A 491 -1.45 -9.16 -3.45
CA GLY A 491 -1.67 -10.58 -3.59
C GLY A 491 -1.52 -11.22 -4.94
N GLY A 492 -1.08 -10.45 -5.94
CA GLY A 492 -0.77 -10.98 -7.27
C GLY A 492 0.30 -12.03 -7.20
N GLY A 493 0.12 -13.12 -7.96
CA GLY A 493 1.13 -14.15 -8.11
C GLY A 493 1.02 -15.20 -7.00
N VAL A 494 1.18 -14.75 -5.76
CA VAL A 494 1.32 -15.63 -4.61
C VAL A 494 0.12 -15.65 -3.68
N GLY A 495 -0.90 -14.82 -3.93
CA GLY A 495 -2.15 -14.87 -3.17
C GLY A 495 -2.21 -13.89 -2.03
N MET A 496 -3.42 -13.75 -1.47
CA MET A 496 -3.67 -12.89 -0.33
C MET A 496 -2.66 -13.07 0.80
N GLY A 497 -2.09 -11.96 1.23
CA GLY A 497 -1.17 -11.92 2.34
C GLY A 497 0.30 -11.88 1.96
N PHE A 498 0.65 -12.19 0.71
CA PHE A 498 2.02 -12.56 0.37
C PHE A 498 2.74 -11.62 -0.57
N SER A 499 2.07 -10.61 -1.10
CA SER A 499 2.68 -9.64 -1.97
C SER A 499 1.98 -8.29 -2.04
N GLN A 500 2.76 -7.26 -2.34
CA GLN A 500 2.21 -5.95 -2.70
C GLN A 500 3.03 -5.45 -3.89
N HIS A 501 2.40 -4.77 -4.84
CA HIS A 501 3.07 -4.47 -6.12
C HIS A 501 2.37 -3.35 -6.88
N SER A 502 3.10 -2.78 -7.84
CA SER A 502 2.61 -1.69 -8.62
C SER A 502 2.63 -2.02 -10.11
N GLY A 503 1.74 -1.36 -10.83
CA GLY A 503 1.70 -1.40 -12.29
C GLY A 503 1.75 0.00 -12.88
N MET A 504 2.24 0.05 -14.10
CA MET A 504 2.23 1.29 -14.89
C MET A 504 2.03 0.93 -16.37
N VAL A 505 1.36 1.83 -17.09
CA VAL A 505 1.30 1.80 -18.53
C VAL A 505 1.37 3.23 -18.99
N ILE A 506 2.13 3.47 -20.06
CA ILE A 506 2.18 4.81 -20.66
C ILE A 506 1.90 4.75 -22.16
N VAL A 507 1.13 5.72 -22.65
CA VAL A 507 0.76 5.81 -24.05
C VAL A 507 1.73 6.65 -24.84
N CYS A 508 2.18 6.10 -25.98
CA CYS A 508 3.04 6.83 -26.91
C CYS A 508 2.16 7.28 -28.05
N ASP A 509 1.67 8.51 -28.00
CA ASP A 509 0.73 8.99 -29.01
C ASP A 509 1.37 9.92 -30.03
N GLY A 510 2.71 9.98 -30.01
CA GLY A 510 3.53 10.79 -30.93
C GLY A 510 3.69 12.25 -30.60
N THR A 511 3.11 12.71 -29.49
CA THR A 511 3.20 14.12 -29.12
C THR A 511 4.47 14.43 -28.36
N ASP A 512 4.88 15.69 -28.38
CA ASP A 512 5.98 16.17 -27.56
C ASP A 512 5.69 16.03 -26.06
N GLU A 513 4.44 16.23 -25.68
CA GLU A 513 4.08 16.07 -24.29
C GLU A 513 4.28 14.62 -23.87
N ALA A 514 3.82 13.68 -24.71
CA ALA A 514 4.07 12.25 -24.42
C ALA A 514 5.58 11.97 -24.28
N ALA A 515 6.38 12.52 -25.19
CA ALA A 515 7.82 12.36 -25.14
C ALA A 515 8.45 12.80 -23.81
N GLU A 516 8.05 13.94 -23.27
CA GLU A 516 8.59 14.44 -22.02
C GLU A 516 8.23 13.47 -20.89
N ARG A 517 6.97 13.00 -20.89
CA ARG A 517 6.56 12.01 -19.90
C ARG A 517 7.33 10.70 -20.02
N ILE A 518 7.42 10.16 -21.23
CA ILE A 518 8.11 8.90 -21.49
C ILE A 518 9.56 8.94 -21.02
N ALA A 519 10.26 10.00 -21.38
CA ALA A 519 11.68 10.08 -21.03
C ALA A 519 11.91 9.87 -19.55
N ARG A 520 11.12 10.51 -18.69
CA ARG A 520 11.35 10.39 -17.25
C ARG A 520 10.69 9.11 -16.69
N VAL A 521 9.48 8.77 -17.13
CA VAL A 521 8.78 7.58 -16.59
C VAL A 521 9.56 6.32 -16.84
N LEU A 522 10.13 6.21 -18.06
CA LEU A 522 10.78 4.95 -18.47
C LEU A 522 12.23 4.94 -17.97
N THR A 523 12.72 6.09 -17.48
CA THR A 523 13.89 6.12 -16.64
C THR A 523 13.59 5.70 -15.20
N ASN A 524 12.60 6.35 -14.62
CA ASN A 524 12.30 6.22 -13.20
C ASN A 524 11.80 4.83 -12.82
N ASP A 525 10.99 4.25 -13.68
CA ASP A 525 10.36 2.95 -13.37
C ASP A 525 11.39 1.83 -13.17
N PRO A 526 12.28 1.58 -14.13
CA PRO A 526 13.38 0.63 -13.87
C PRO A 526 14.42 1.18 -12.93
N GLY A 527 14.56 2.50 -12.91
CA GLY A 527 15.44 3.15 -11.97
C GLY A 527 15.13 2.79 -10.52
N THR A 528 13.86 2.72 -10.15
CA THR A 528 13.51 2.36 -8.78
C THR A 528 13.90 0.95 -8.44
N GLY A 529 13.92 0.07 -9.42
CA GLY A 529 14.33 -1.31 -9.18
C GLY A 529 15.84 -1.46 -8.97
N VAL A 530 16.62 -0.76 -9.78
CA VAL A 530 18.07 -0.67 -9.58
C VAL A 530 18.36 -0.05 -8.23
N MET A 531 17.59 1.00 -7.88
CA MET A 531 17.72 1.63 -6.56
C MET A 531 17.46 0.62 -5.46
N ARG A 532 16.38 -0.14 -5.59
CA ARG A 532 15.95 -1.05 -4.55
C ARG A 532 16.98 -2.16 -4.32
N HIS A 533 17.59 -2.65 -5.40
CA HIS A 533 18.56 -3.71 -5.31
C HIS A 533 19.94 -3.14 -4.89
N ALA A 534 20.21 -1.88 -5.21
CA ALA A 534 21.46 -1.21 -4.74
C ALA A 534 21.37 -0.99 -3.24
N ASP A 535 20.16 -0.64 -2.79
CA ASP A 535 19.93 -0.45 -1.36
C ASP A 535 20.19 -1.74 -0.58
N ALA A 536 19.79 -2.87 -1.16
CA ALA A 536 19.98 -4.19 -0.57
C ALA A 536 21.43 -4.62 -0.60
N GLY A 537 22.23 -3.91 -1.37
CA GLY A 537 23.67 -4.09 -1.38
C GLY A 537 24.21 -4.98 -2.48
N TYR A 538 23.44 -5.15 -3.57
CA TYR A 538 23.88 -5.94 -4.71
C TYR A 538 24.84 -5.15 -5.56
N ASP A 539 26.05 -5.67 -5.72
CA ASP A 539 27.12 -4.93 -6.41
C ASP A 539 26.73 -4.69 -7.87
N ILE A 540 26.02 -5.63 -8.49
CA ILE A 540 25.65 -5.41 -9.88
C ILE A 540 24.66 -4.27 -10.01
N ALA A 541 23.81 -4.08 -8.99
CA ALA A 541 22.86 -2.98 -8.99
C ALA A 541 23.56 -1.67 -8.73
N ILE A 542 24.49 -1.67 -7.79
CA ILE A 542 25.25 -0.45 -7.46
C ILE A 542 25.99 0.02 -8.72
N ASP A 543 26.58 -0.95 -9.41
CA ASP A 543 27.33 -0.66 -10.65
C ASP A 543 26.45 -0.08 -11.71
N CYS A 544 25.28 -0.69 -11.90
CA CYS A 544 24.32 -0.22 -12.89
C CYS A 544 23.87 1.22 -12.54
N ALA A 545 23.60 1.51 -11.28
CA ALA A 545 23.17 2.84 -10.83
C ALA A 545 24.23 3.88 -11.17
N LYS A 546 25.49 3.53 -10.96
CA LYS A 546 26.60 4.40 -11.31
C LYS A 546 26.69 4.63 -12.81
N GLU A 547 26.63 3.55 -13.58
CA GLU A 547 26.68 3.63 -15.05
C GLU A 547 25.60 4.49 -15.63
N GLN A 548 24.41 4.42 -15.04
CA GLN A 548 23.26 5.12 -15.57
C GLN A 548 23.03 6.50 -14.93
N GLY A 549 23.90 6.88 -13.98
CA GLY A 549 23.89 8.20 -13.39
C GLY A 549 22.69 8.41 -12.49
N LEU A 550 22.22 7.36 -11.82
CA LEU A 550 21.14 7.54 -10.83
C LEU A 550 21.62 8.34 -9.61
N ASP A 551 20.70 9.13 -9.07
CA ASP A 551 21.00 9.96 -7.91
C ASP A 551 20.43 9.24 -6.68
N LEU A 552 21.31 8.52 -6.00
CA LEU A 552 20.95 7.70 -4.85
C LEU A 552 21.69 8.25 -3.63
N PRO A 553 21.03 9.13 -2.89
CA PRO A 553 21.73 9.93 -1.86
C PRO A 553 22.56 9.12 -0.86
N MET A 554 22.11 7.93 -0.45
CA MET A 554 22.84 7.14 0.52
C MET A 554 23.93 6.32 -0.19
N ILE A 555 24.70 5.61 0.60
N ASN B 5 24.37 6.43 16.25
CA ASN B 5 23.54 6.57 15.02
C ASN B 5 22.06 6.74 15.37
N ASN B 6 21.59 6.32 16.55
CA ASN B 6 20.19 6.59 16.96
C ASN B 6 20.11 7.66 18.10
N TYR B 7 21.20 8.05 18.73
CA TYR B 7 21.19 9.10 19.77
C TYR B 7 22.10 10.25 19.38
N ARG B 8 21.59 11.46 19.48
CA ARG B 8 22.39 12.66 19.23
C ARG B 8 21.98 13.73 20.23
N ASP B 9 22.97 14.19 20.99
CA ASP B 9 22.71 15.21 21.99
C ASP B 9 22.76 16.59 21.32
N VAL B 10 21.67 16.94 20.64
CA VAL B 10 21.48 18.23 20.00
C VAL B 10 20.01 18.63 20.17
N GLU B 11 19.74 19.93 20.29
CA GLU B 11 18.39 20.45 20.17
C GLU B 11 18.25 20.95 18.74
N ILE B 12 17.20 20.49 18.08
CA ILE B 12 16.89 20.89 16.72
C ILE B 12 15.64 21.72 16.74
N ARG B 13 15.63 22.80 15.99
CA ARG B 13 14.40 23.53 15.69
C ARG B 13 14.37 24.08 14.27
N ALA B 14 13.17 24.23 13.77
CA ALA B 14 12.96 24.76 12.46
C ALA B 14 13.59 26.15 12.32
N PRO B 15 14.28 26.39 11.21
CA PRO B 15 14.64 27.74 10.78
C PRO B 15 13.41 28.63 10.74
N ARG B 16 13.61 29.90 11.09
CA ARG B 16 12.55 30.89 11.18
C ARG B 16 12.72 31.96 10.10
N GLY B 17 11.73 32.82 9.99
CA GLY B 17 11.80 33.95 9.09
C GLY B 17 11.77 33.60 7.61
N ASN B 18 12.17 34.56 6.77
CA ASN B 18 11.99 34.38 5.34
C ASN B 18 13.28 34.03 4.52
N LYS B 19 14.42 33.85 5.18
CA LYS B 19 15.64 33.43 4.49
C LYS B 19 15.60 31.91 4.25
N LEU B 20 15.97 31.49 3.06
CA LEU B 20 15.93 30.08 2.60
C LEU B 20 17.32 29.46 2.67
N THR B 21 17.38 28.20 3.09
CA THR B 21 18.54 27.29 3.03
C THR B 21 18.42 26.47 1.74
N ALA B 22 17.23 25.92 1.53
CA ALA B 22 16.93 25.18 0.32
C ALA B 22 16.71 26.11 -0.87
N LYS B 23 16.49 25.54 -2.05
CA LYS B 23 16.45 26.31 -3.28
C LYS B 23 15.10 27.06 -3.51
N SER B 24 14.06 26.62 -2.82
CA SER B 24 12.72 27.16 -3.03
C SER B 24 11.88 26.91 -1.78
N TRP B 25 10.76 27.58 -1.69
CA TRP B 25 9.90 27.37 -0.54
C TRP B 25 9.31 25.95 -0.52
N LEU B 26 9.16 25.34 -1.69
CA LEU B 26 8.57 24.01 -1.76
C LEU B 26 9.50 22.92 -1.20
N THR B 27 10.81 23.16 -1.21
CA THR B 27 11.75 22.28 -0.54
C THR B 27 12.19 22.78 0.86
N GLU B 28 12.14 24.10 1.10
CA GLU B 28 12.42 24.65 2.40
C GLU B 28 11.37 24.12 3.39
N ALA B 29 10.14 24.00 2.90
CA ALA B 29 9.02 23.64 3.77
C ALA B 29 9.17 22.26 4.45
N PRO B 30 9.44 21.18 3.71
CA PRO B 30 9.67 19.89 4.34
C PRO B 30 10.93 19.89 5.21
N LEU B 31 11.96 20.63 4.81
CA LEU B 31 13.12 20.84 5.63
C LEU B 31 12.77 21.44 6.99
N ARG B 32 11.93 22.48 6.99
CA ARG B 32 11.50 23.12 8.23
C ARG B 32 10.60 22.21 9.06
N MET B 33 9.72 21.48 8.40
CA MET B 33 8.75 20.70 9.16
C MET B 33 9.39 19.42 9.73
N LEU B 34 10.38 18.87 9.04
CA LEU B 34 11.17 17.77 9.59
C LEU B 34 11.87 18.22 10.87
N MET B 35 12.46 19.41 10.83
CA MET B 35 13.14 19.97 12.00
C MET B 35 12.15 20.29 13.15
N ASN B 36 11.00 20.79 12.77
CA ASN B 36 9.94 21.11 13.72
C ASN B 36 9.43 19.88 14.45
N ASN B 37 9.36 18.75 13.74
CA ASN B 37 9.03 17.45 14.35
C ASN B 37 9.94 17.04 15.51
N LEU B 38 11.18 17.57 15.52
CA LEU B 38 12.18 17.25 16.50
C LEU B 38 12.44 18.39 17.50
N ASP B 39 11.66 19.45 17.43
CA ASP B 39 11.76 20.56 18.41
C ASP B 39 11.59 20.02 19.85
N PRO B 40 12.49 20.39 20.78
CA PRO B 40 12.34 20.02 22.19
C PRO B 40 10.96 20.35 22.77
N GLN B 41 10.33 21.40 22.23
CA GLN B 41 9.00 21.86 22.70
C GLN B 41 7.87 21.05 22.06
N VAL B 42 8.20 20.31 20.99
CA VAL B 42 7.23 19.52 20.19
C VAL B 42 7.27 18.01 20.40
N ALA B 43 8.47 17.42 20.28
CA ALA B 43 8.67 15.96 20.30
C ALA B 43 8.80 15.35 21.68
N GLU B 44 8.37 14.10 21.82
CA GLU B 44 8.51 13.37 23.10
C GLU B 44 9.96 13.02 23.44
N ASN B 45 10.79 12.66 22.44
CA ASN B 45 12.15 12.20 22.72
C ASN B 45 13.03 12.38 21.49
N PRO B 46 13.20 13.62 21.05
CA PRO B 46 13.87 13.91 19.78
C PRO B 46 15.37 13.61 19.72
N LYS B 47 16.05 13.43 20.85
CA LYS B 47 17.48 13.08 20.79
C LYS B 47 17.63 11.66 20.24
N GLU B 48 16.57 10.86 20.33
CA GLU B 48 16.47 9.52 19.74
C GLU B 48 15.56 9.47 18.49
N LEU B 49 15.32 10.64 17.88
CA LEU B 49 14.46 10.87 16.68
C LEU B 49 12.95 10.57 16.88
N VAL B 50 12.55 10.35 18.11
CA VAL B 50 11.18 9.97 18.49
C VAL B 50 10.30 11.19 18.68
N VAL B 51 9.21 11.22 17.92
CA VAL B 51 8.28 12.32 17.93
C VAL B 51 7.13 12.02 18.88
N TYR B 52 6.49 10.86 18.70
CA TYR B 52 5.35 10.49 19.55
C TYR B 52 4.98 9.03 19.33
N GLY B 53 4.01 8.54 20.08
CA GLY B 53 3.35 7.32 19.67
C GLY B 53 4.19 6.07 19.74
N GLY B 54 4.81 5.87 20.88
CA GLY B 54 5.76 4.79 21.01
C GLY B 54 7.07 5.21 20.39
N ILE B 55 7.50 4.49 19.36
CA ILE B 55 8.74 4.74 18.69
C ILE B 55 8.52 5.36 17.28
N GLY B 56 7.55 6.23 17.21
CA GLY B 56 7.33 6.98 15.98
C GLY B 56 8.41 8.00 15.71
N ARG B 57 9.21 7.76 14.68
CA ARG B 57 10.40 8.55 14.40
C ARG B 57 10.26 9.44 13.20
N ALA B 58 11.15 10.42 13.10
CA ALA B 58 11.17 11.37 11.98
C ALA B 58 12.11 10.99 10.84
N ALA B 59 13.15 10.24 11.17
CA ALA B 59 14.10 9.72 10.18
C ALA B 59 14.67 8.46 10.78
N ARG B 60 15.27 7.57 9.97
CA ARG B 60 15.57 6.21 10.44
C ARG B 60 16.64 6.18 11.53
N ASN B 61 17.60 7.06 11.33
CA ASN B 61 18.75 7.21 12.21
C ASN B 61 19.45 8.53 11.91
N TRP B 62 20.48 8.90 12.66
CA TRP B 62 21.08 10.23 12.43
C TRP B 62 21.80 10.42 11.11
N GLU B 63 22.43 9.38 10.58
CA GLU B 63 23.01 9.47 9.26
C GLU B 63 21.95 9.76 8.21
N CYS B 64 20.79 9.12 8.33
CA CYS B 64 19.71 9.36 7.38
C CYS B 64 19.15 10.75 7.52
N TYR B 65 18.96 11.20 8.75
CA TYR B 65 18.56 12.59 9.02
C TYR B 65 19.46 13.55 8.28
N ASP B 66 20.76 13.45 8.51
CA ASP B 66 21.71 14.38 7.87
C ASP B 66 21.55 14.38 6.37
N LYS B 67 21.40 13.19 5.80
CA LYS B 67 21.31 13.04 4.36
C LYS B 67 20.00 13.58 3.80
N ILE B 68 18.89 13.45 4.54
CA ILE B 68 17.64 14.04 4.08
C ILE B 68 17.76 15.57 4.08
N VAL B 69 18.42 16.16 5.07
CA VAL B 69 18.53 17.61 5.15
C VAL B 69 19.38 18.09 3.98
N GLU B 70 20.51 17.44 3.82
CA GLU B 70 21.41 17.73 2.69
C GLU B 70 20.77 17.60 1.34
N THR B 71 19.94 16.58 1.16
CA THR B 71 19.27 16.35 -0.12
C THR B 71 18.15 17.37 -0.38
N LEU B 72 17.32 17.67 0.64
CA LEU B 72 16.29 18.66 0.46
C LEU B 72 16.90 20.02 0.12
N THR B 73 18.05 20.29 0.72
CA THR B 73 18.76 21.57 0.53
C THR B 73 19.19 21.80 -0.93
N ARG B 74 19.56 20.71 -1.63
CA ARG B 74 19.99 20.77 -3.01
C ARG B 74 18.92 20.44 -4.07
N LEU B 75 17.76 19.92 -3.63
CA LEU B 75 16.75 19.42 -4.53
C LEU B 75 16.24 20.49 -5.47
N GLU B 76 16.18 20.14 -6.74
CA GLU B 76 15.76 21.08 -7.77
C GLU B 76 14.24 21.09 -7.87
N ASP B 77 13.72 22.05 -8.64
CA ASP B 77 12.27 22.28 -8.71
C ASP B 77 11.49 21.21 -9.46
N ASP B 78 12.20 20.45 -10.28
CA ASP B 78 11.64 19.31 -11.01
C ASP B 78 12.14 17.93 -10.55
N GLU B 79 12.68 17.85 -9.34
CA GLU B 79 13.16 16.59 -8.78
C GLU B 79 12.30 16.17 -7.59
N THR B 80 12.24 14.87 -7.36
CA THR B 80 11.47 14.33 -6.27
C THR B 80 12.33 13.36 -5.51
N LEU B 81 12.44 13.59 -4.21
CA LEU B 81 13.14 12.71 -3.32
C LEU B 81 12.19 11.61 -2.82
N LEU B 82 12.66 10.38 -2.86
CA LEU B 82 11.99 9.22 -2.23
C LEU B 82 12.56 8.93 -0.88
N VAL B 83 11.70 8.94 0.14
CA VAL B 83 12.08 8.52 1.51
C VAL B 83 11.43 7.16 1.80
N GLN B 84 12.25 6.19 2.20
CA GLN B 84 11.86 4.80 2.38
C GLN B 84 12.18 4.45 3.81
N SER B 85 11.13 4.28 4.63
CA SER B 85 11.31 4.12 6.06
C SER B 85 12.40 5.03 6.67
N GLY B 86 12.22 6.32 6.47
CA GLY B 86 13.07 7.33 7.04
C GLY B 86 14.47 7.43 6.47
N LYS B 87 14.67 6.87 5.28
CA LYS B 87 15.96 6.89 4.56
C LYS B 87 15.81 7.55 3.18
N PRO B 88 16.69 8.50 2.81
CA PRO B 88 16.62 9.12 1.50
C PRO B 88 17.28 8.24 0.45
N VAL B 89 16.49 7.51 -0.33
CA VAL B 89 17.01 6.45 -1.15
C VAL B 89 17.21 6.81 -2.60
N GLY B 90 16.49 7.81 -3.10
CA GLY B 90 16.66 8.16 -4.50
C GLY B 90 16.06 9.51 -4.81
N VAL B 91 16.61 10.12 -5.85
CA VAL B 91 16.07 11.37 -6.37
C VAL B 91 15.88 11.19 -7.85
N PHE B 92 14.68 11.54 -8.33
CA PHE B 92 14.27 11.30 -9.71
C PHE B 92 13.58 12.49 -10.33
N LYS B 93 13.69 12.62 -11.63
CA LYS B 93 13.05 13.73 -12.35
C LYS B 93 11.55 13.56 -12.51
N THR B 94 10.80 14.56 -12.11
CA THR B 94 9.37 14.63 -12.33
C THR B 94 9.04 15.98 -12.98
N HIS B 95 8.29 16.83 -12.28
CA HIS B 95 7.98 18.17 -12.77
C HIS B 95 7.56 19.04 -11.57
N SER B 96 7.52 20.33 -11.76
CA SER B 96 7.25 21.28 -10.68
C SER B 96 5.86 21.15 -10.00
N ASN B 97 4.89 20.57 -10.70
CA ASN B 97 3.55 20.34 -10.16
C ASN B 97 3.35 18.96 -9.53
N ALA B 98 4.44 18.22 -9.38
CA ALA B 98 4.45 16.97 -8.64
C ALA B 98 5.04 17.24 -7.26
N PRO B 99 4.82 16.30 -6.35
CA PRO B 99 5.39 16.45 -5.03
C PRO B 99 6.93 16.43 -5.11
N ARG B 100 7.55 17.24 -4.27
CA ARG B 100 8.98 17.25 -4.06
C ARG B 100 9.47 16.05 -3.28
N VAL B 101 8.61 15.48 -2.41
CA VAL B 101 9.00 14.33 -1.63
C VAL B 101 7.86 13.31 -1.61
N LEU B 102 8.22 12.04 -1.80
CA LEU B 102 7.31 10.92 -1.71
C LEU B 102 7.89 9.99 -0.66
N ILE B 103 7.06 9.66 0.33
CA ILE B 103 7.51 9.01 1.56
C ILE B 103 6.72 7.73 1.74
N ALA B 104 7.40 6.62 1.99
CA ALA B 104 6.69 5.40 2.33
C ALA B 104 7.40 4.76 3.51
N ASN B 105 6.71 4.64 4.62
CA ASN B 105 7.32 4.23 5.87
C ASN B 105 6.60 3.05 6.48
N SER B 106 7.39 2.09 6.95
CA SER B 106 6.95 1.00 7.75
C SER B 106 6.09 -0.05 7.03
N ASN B 107 5.99 0.02 5.71
CA ASN B 107 5.19 -0.93 4.95
C ASN B 107 5.83 -2.33 4.89
N LEU B 108 5.08 -3.36 5.28
CA LEU B 108 5.52 -4.76 5.29
C LEU B 108 4.48 -5.62 4.60
N VAL B 109 4.93 -6.55 3.79
CA VAL B 109 4.06 -7.51 3.13
C VAL B 109 3.23 -8.20 4.21
N PRO B 110 1.91 -8.25 4.05
CA PRO B 110 1.01 -8.56 5.17
C PRO B 110 1.36 -9.75 6.08
N HIS B 111 1.77 -10.90 5.53
CA HIS B 111 2.06 -12.07 6.31
C HIS B 111 3.18 -11.78 7.31
N TRP B 112 4.02 -10.78 7.01
CA TRP B 112 5.15 -10.41 7.86
C TRP B 112 4.92 -9.09 8.62
N ALA B 113 3.69 -8.57 8.55
CA ALA B 113 3.37 -7.25 9.08
C ALA B 113 3.02 -7.37 10.57
N ASN B 114 4.06 -7.51 11.38
CA ASN B 114 3.89 -7.59 12.83
C ASN B 114 5.13 -7.00 13.52
N TRP B 115 5.02 -6.71 14.79
CA TRP B 115 6.15 -6.08 15.51
C TRP B 115 7.40 -6.95 15.58
N GLU B 116 7.21 -8.25 15.67
CA GLU B 116 8.34 -9.18 15.79
C GLU B 116 9.25 -9.03 14.54
N HIS B 117 8.63 -9.06 13.36
CA HIS B 117 9.40 -8.89 12.12
C HIS B 117 9.93 -7.46 11.96
N PHE B 118 9.14 -6.44 12.32
CA PHE B 118 9.62 -5.06 12.27
C PHE B 118 10.89 -4.92 13.12
N ASN B 119 10.89 -5.54 14.29
CA ASN B 119 11.98 -5.36 15.24
C ASN B 119 13.24 -6.10 14.72
N GLU B 120 13.05 -7.25 14.09
CA GLU B 120 14.17 -7.95 13.41
C GLU B 120 14.80 -7.07 12.35
N LEU B 121 13.95 -6.43 11.54
CA LEU B 121 14.43 -5.52 10.50
C LEU B 121 15.08 -4.28 11.11
N ASP B 122 14.58 -3.80 12.24
CA ASP B 122 15.14 -2.60 12.87
C ASP B 122 16.57 -2.89 13.39
N ALA B 123 16.75 -4.07 13.98
CA ALA B 123 18.07 -4.50 14.48
C ALA B 123 19.10 -4.61 13.35
N LYS B 124 18.62 -4.81 12.12
CA LYS B 124 19.49 -4.80 10.92
C LYS B 124 19.62 -3.43 10.26
N GLY B 125 19.07 -2.36 10.86
CA GLY B 125 19.11 -1.02 10.31
C GLY B 125 18.23 -0.76 9.09
N LEU B 126 17.19 -1.58 8.93
CA LEU B 126 16.28 -1.60 7.76
C LEU B 126 14.86 -1.03 8.04
N ALA B 127 14.62 -0.48 9.23
CA ALA B 127 13.25 -0.15 9.65
C ALA B 127 13.19 1.16 10.38
N MET B 128 12.02 1.79 10.27
CA MET B 128 11.61 2.95 11.04
C MET B 128 10.09 2.98 11.08
N TYR B 129 9.55 3.19 12.28
CA TYR B 129 8.09 3.33 12.45
C TYR B 129 7.70 4.76 12.23
N GLY B 130 6.83 5.03 11.24
CA GLY B 130 6.46 6.40 10.90
C GLY B 130 5.33 6.98 11.70
N GLN B 131 4.68 6.13 12.51
CA GLN B 131 3.43 6.48 13.13
C GLN B 131 2.54 7.07 12.02
N MET B 132 1.87 8.20 12.27
CA MET B 132 1.19 8.91 11.19
C MET B 132 1.99 10.14 10.76
N THR B 133 2.10 11.14 11.64
CA THR B 133 2.74 12.41 11.28
C THR B 133 4.19 12.52 11.69
N ALA B 134 4.72 11.50 12.35
CA ALA B 134 6.11 11.48 12.77
C ALA B 134 7.05 11.38 11.59
N GLY B 135 6.88 10.35 10.78
CA GLY B 135 7.75 10.12 9.62
C GLY B 135 7.37 10.90 8.37
N SER B 136 6.26 11.63 8.44
CA SER B 136 5.79 12.48 7.35
C SER B 136 5.78 13.97 7.64
N TRP B 137 6.38 14.37 8.76
CA TRP B 137 6.77 15.78 8.97
C TRP B 137 5.59 16.74 8.99
N ILE B 138 4.59 16.41 9.78
CA ILE B 138 3.48 17.33 9.94
C ILE B 138 2.88 17.23 11.37
N TYR B 139 3.70 16.84 12.35
CA TYR B 139 3.34 16.85 13.77
C TYR B 139 3.45 18.26 14.33
N ILE B 140 2.43 18.70 15.08
CA ILE B 140 2.42 20.05 15.67
C ILE B 140 2.21 20.00 17.19
N GLY B 141 2.85 19.02 17.82
CA GLY B 141 2.71 18.77 19.24
C GLY B 141 1.33 18.24 19.59
N SER B 142 0.91 18.46 20.83
CA SER B 142 -0.40 17.94 21.25
C SER B 142 -1.62 18.54 20.52
N GLN B 143 -1.46 19.73 19.96
CA GLN B 143 -2.56 20.41 19.24
C GLN B 143 -3.10 19.60 18.09
N GLY B 144 -2.26 18.78 17.45
CA GLY B 144 -2.71 18.07 16.25
C GLY B 144 -3.90 17.17 16.52
N ILE B 145 -3.98 16.61 17.73
CA ILE B 145 -5.06 15.72 18.11
C ILE B 145 -6.15 16.39 18.98
N VAL B 146 -5.85 17.52 19.59
CA VAL B 146 -6.71 18.01 20.65
C VAL B 146 -8.13 18.30 20.19
N GLN B 147 -8.34 18.84 18.98
CA GLN B 147 -9.72 19.07 18.54
C GLN B 147 -10.48 17.77 18.32
N GLY B 148 -9.81 16.76 17.77
CA GLY B 148 -10.44 15.46 17.56
C GLY B 148 -10.87 14.85 18.89
N THR B 149 -10.02 14.89 19.89
CA THR B 149 -10.37 14.42 21.21
C THR B 149 -11.53 15.25 21.80
N TYR B 150 -11.48 16.56 21.65
CA TYR B 150 -12.56 17.44 22.10
C TYR B 150 -13.86 17.07 21.44
N GLU B 151 -13.84 16.89 20.11
CA GLU B 151 -15.07 16.54 19.39
C GLU B 151 -15.63 15.18 19.80
N THR B 152 -14.75 14.25 20.14
CA THR B 152 -15.16 12.96 20.65
C THR B 152 -15.87 13.11 21.96
N PHE B 153 -15.27 13.84 22.91
CA PHE B 153 -15.92 14.03 24.22
C PHE B 153 -17.21 14.80 24.12
N VAL B 154 -17.23 15.81 23.27
CA VAL B 154 -18.42 16.59 23.00
C VAL B 154 -19.55 15.72 22.47
N GLU B 155 -19.25 14.89 21.49
CA GLU B 155 -20.29 14.00 20.92
C GLU B 155 -20.76 12.97 21.91
N ALA B 156 -19.85 12.39 22.70
CA ALA B 156 -20.21 11.50 23.77
C ALA B 156 -21.12 12.21 24.76
N GLY B 157 -20.81 13.48 25.09
CA GLY B 157 -21.71 14.27 25.93
C GLY B 157 -23.08 14.44 25.30
N ARG B 158 -23.13 14.70 24.00
CA ARG B 158 -24.43 14.92 23.32
C ARG B 158 -25.24 13.68 23.36
N GLN B 159 -24.58 12.53 23.27
CA GLN B 159 -25.27 11.24 23.22
C GLN B 159 -25.76 10.81 24.59
N HIS B 160 -24.96 11.04 25.62
CA HIS B 160 -25.20 10.42 26.93
C HIS B 160 -25.72 11.38 28.00
N TYR B 161 -25.36 12.66 27.89
CA TYR B 161 -25.53 13.65 28.96
C TYR B 161 -26.16 14.99 28.58
N GLY B 162 -26.81 15.11 27.41
CA GLY B 162 -27.36 16.42 26.97
C GLY B 162 -26.42 17.52 26.43
N GLY B 163 -25.19 17.15 26.12
CA GLY B 163 -24.26 18.04 25.44
C GLY B 163 -23.01 18.49 26.20
N SER B 164 -23.19 19.50 27.05
CA SER B 164 -22.06 20.10 27.81
C SER B 164 -21.19 19.27 28.83
N LEU B 165 -21.67 18.35 29.66
CA LEU B 165 -20.68 17.64 30.61
C LEU B 165 -20.21 18.40 31.88
N LYS B 166 -20.71 19.62 32.08
CA LYS B 166 -20.51 20.28 33.38
C LYS B 166 -20.95 19.30 34.45
N GLY B 167 -20.13 19.09 35.48
CA GLY B 167 -20.42 18.16 36.55
C GLY B 167 -20.10 16.70 36.27
N LYS B 168 -19.50 16.42 35.11
CA LYS B 168 -19.13 15.05 34.75
C LYS B 168 -17.60 14.94 34.69
N TRP B 169 -17.14 13.71 34.69
CA TRP B 169 -15.72 13.46 34.55
C TRP B 169 -15.35 12.24 33.74
N VAL B 170 -14.21 12.38 33.08
CA VAL B 170 -13.60 11.33 32.28
C VAL B 170 -12.43 10.67 33.03
N LEU B 171 -12.33 9.34 32.94
CA LEU B 171 -11.24 8.57 33.41
C LEU B 171 -10.51 7.97 32.22
N THR B 172 -9.22 8.23 32.12
CA THR B 172 -8.40 7.68 31.05
C THR B 172 -6.95 7.61 31.53
N ALA B 173 -6.07 7.19 30.62
CA ALA B 173 -4.67 7.13 30.92
C ALA B 173 -3.85 7.45 29.67
N GLY B 174 -2.57 7.71 29.85
CA GLY B 174 -1.69 8.10 28.75
C GLY B 174 -1.55 9.60 28.62
N LEU B 175 -0.44 10.15 29.11
CA LEU B 175 -0.11 11.55 28.93
C LEU B 175 1.18 11.68 28.16
N GLY B 176 1.20 11.01 27.00
CA GLY B 176 2.26 11.17 26.02
C GLY B 176 1.95 12.33 25.11
N GLY B 177 2.60 12.38 23.96
CA GLY B 177 2.43 13.53 23.06
C GLY B 177 0.98 13.68 22.63
N MET B 178 0.34 12.57 22.28
CA MET B 178 -1.05 12.62 21.84
C MET B 178 -2.04 12.37 23.01
N GLY B 179 -1.76 11.43 23.89
CA GLY B 179 -2.64 11.25 25.04
C GLY B 179 -2.68 12.49 25.92
N GLY B 180 -1.63 13.31 25.85
CA GLY B 180 -1.58 14.54 26.63
C GLY B 180 -2.64 15.57 26.29
N ALA B 181 -3.27 15.43 25.11
CA ALA B 181 -4.33 16.28 24.70
C ALA B 181 -5.66 15.93 25.38
N GLN B 182 -5.76 14.72 25.94
CA GLN B 182 -7.02 14.28 26.59
C GLN B 182 -7.47 15.19 27.72
N PRO B 183 -6.60 15.54 28.69
CA PRO B 183 -7.06 16.42 29.80
C PRO B 183 -7.61 17.79 29.32
N LEU B 184 -6.91 18.43 28.40
CA LEU B 184 -7.38 19.72 27.92
C LEU B 184 -8.65 19.55 27.13
N ALA B 185 -8.71 18.51 26.29
CA ALA B 185 -9.89 18.24 25.50
C ALA B 185 -11.10 18.07 26.40
N ALA B 186 -10.95 17.30 27.48
CA ALA B 186 -12.06 17.12 28.41
C ALA B 186 -12.45 18.44 29.04
N THR B 187 -11.48 19.22 29.46
CA THR B 187 -11.73 20.55 30.00
C THR B 187 -12.52 21.43 29.06
N LEU B 188 -12.09 21.48 27.80
CA LEU B 188 -12.75 22.32 26.80
C LEU B 188 -14.17 21.87 26.54
N ALA B 189 -14.41 20.57 26.67
CA ALA B 189 -15.76 19.99 26.56
C ALA B 189 -16.61 20.14 27.82
N GLY B 190 -15.98 20.64 28.90
CA GLY B 190 -16.69 21.02 30.13
C GLY B 190 -16.58 20.00 31.26
N ALA B 191 -15.81 18.94 31.03
CA ALA B 191 -15.62 17.86 31.99
C ALA B 191 -14.36 18.03 32.86
N CYS B 192 -14.46 17.53 34.12
CA CYS B 192 -13.23 17.25 34.86
C CYS B 192 -12.61 15.94 34.41
N SER B 193 -11.35 15.64 34.60
CA SER B 193 -10.77 14.37 34.13
C SER B 193 -9.69 13.87 35.07
N LEU B 194 -9.54 12.55 35.15
CA LEU B 194 -8.49 11.87 35.92
C LEU B 194 -7.70 11.09 34.88
N ASN B 195 -6.41 11.42 34.78
CA ASN B 195 -5.56 10.99 33.70
C ASN B 195 -4.37 10.29 34.30
N ILE B 196 -4.33 8.96 34.22
CA ILE B 196 -3.23 8.27 34.84
C ILE B 196 -2.00 8.12 33.92
N GLU B 197 -0.79 8.32 34.47
CA GLU B 197 0.45 8.34 33.64
C GLU B 197 1.60 7.79 34.45
N SER B 198 2.37 6.89 33.88
CA SER B 198 3.36 6.17 34.66
C SER B 198 4.69 6.91 34.69
N GLN B 199 4.94 7.87 33.80
CA GLN B 199 6.20 8.67 33.81
C GLN B 199 6.02 10.10 34.28
N GLN B 200 6.66 10.47 35.38
CA GLN B 200 6.62 11.85 35.83
C GLN B 200 7.04 12.85 34.79
N SER B 201 8.07 12.56 33.99
CA SER B 201 8.55 13.53 33.04
C SER B 201 7.44 13.90 32.01
N ARG B 202 6.55 12.95 31.74
CA ARG B 202 5.45 13.14 30.80
C ARG B 202 4.34 14.00 31.42
N ILE B 203 4.04 13.77 32.69
CA ILE B 203 3.14 14.69 33.43
C ILE B 203 3.72 16.11 33.39
N ASP B 204 5.03 16.25 33.61
CA ASP B 204 5.62 17.58 33.64
C ASP B 204 5.46 18.27 32.30
N PHE B 205 5.66 17.53 31.21
CA PHE B 205 5.59 18.07 29.87
C PHE B 205 4.19 18.62 29.66
N ARG B 206 3.18 17.84 30.06
CA ARG B 206 1.79 18.27 29.99
C ARG B 206 1.48 19.50 30.88
N LEU B 207 2.01 19.52 32.10
CA LEU B 207 1.84 20.71 32.96
C LEU B 207 2.49 21.93 32.29
N GLU B 208 3.71 21.77 31.76
CA GLU B 208 4.46 22.89 31.23
C GLU B 208 3.83 23.50 29.96
N THR B 209 3.13 22.68 29.20
CA THR B 209 2.47 23.11 27.97
C THR B 209 0.98 23.43 28.17
N ARG B 210 0.52 23.44 29.42
CA ARG B 210 -0.82 23.86 29.82
C ARG B 210 -1.92 22.86 29.41
N TYR B 211 -1.49 21.62 29.14
CA TYR B 211 -2.41 20.56 28.69
C TYR B 211 -3.10 19.83 29.86
N VAL B 212 -2.47 19.85 31.04
CA VAL B 212 -3.06 19.30 32.25
C VAL B 212 -2.95 20.38 33.32
N ASP B 213 -3.95 20.44 34.19
CA ASP B 213 -4.03 21.49 35.20
C ASP B 213 -3.26 21.23 36.46
N GLU B 214 -3.39 20.04 37.03
CA GLU B 214 -2.82 19.71 38.34
C GLU B 214 -2.49 18.24 38.47
N GLN B 215 -1.73 17.91 39.49
CA GLN B 215 -1.39 16.54 39.79
C GLN B 215 -1.80 16.19 41.20
N ALA B 216 -2.56 15.13 41.34
CA ALA B 216 -2.92 14.58 42.66
C ALA B 216 -1.75 13.81 43.27
N THR B 217 -1.76 13.61 44.58
CA THR B 217 -0.65 12.93 45.23
C THR B 217 -0.82 11.43 45.33
N ASP B 218 -2.05 10.96 45.21
CA ASP B 218 -2.38 9.55 45.23
C ASP B 218 -3.84 9.42 44.79
N LEU B 219 -4.30 8.18 44.70
CA LEU B 219 -5.63 7.90 44.18
C LEU B 219 -6.70 8.52 45.08
N ASP B 220 -6.52 8.44 46.39
CA ASP B 220 -7.49 9.03 47.33
C ASP B 220 -7.62 10.56 47.09
N ASP B 221 -6.49 11.25 46.97
CA ASP B 221 -6.49 12.68 46.77
C ASP B 221 -7.16 13.02 45.43
N ALA B 222 -6.92 12.19 44.43
CA ALA B 222 -7.48 12.41 43.10
C ALA B 222 -9.00 12.33 43.19
N LEU B 223 -9.50 11.34 43.90
CA LEU B 223 -10.93 11.17 44.06
C LEU B 223 -11.59 12.31 44.86
N VAL B 224 -10.91 12.84 45.86
CA VAL B 224 -11.43 13.97 46.62
C VAL B 224 -11.52 15.18 45.70
N ARG B 225 -10.49 15.38 44.87
CA ARG B 225 -10.51 16.50 43.92
C ARG B 225 -11.63 16.38 42.88
N ILE B 226 -11.79 15.19 42.30
CA ILE B 226 -12.85 14.94 41.31
C ILE B 226 -14.22 15.18 41.93
N ALA B 227 -14.45 14.69 43.14
CA ALA B 227 -15.76 14.86 43.79
C ALA B 227 -16.06 16.33 43.99
N LYS B 228 -15.03 17.08 44.39
CA LYS B 228 -15.22 18.51 44.72
C LYS B 228 -15.47 19.32 43.47
N TYR B 229 -14.59 19.17 42.48
CA TYR B 229 -14.71 19.95 41.26
C TYR B 229 -15.98 19.63 40.47
N THR B 230 -16.33 18.35 40.36
CA THR B 230 -17.57 18.00 39.67
C THR B 230 -18.78 18.60 40.40
N ALA B 231 -18.81 18.47 41.73
CA ALA B 231 -19.92 19.05 42.50
C ALA B 231 -20.10 20.54 42.22
N GLU B 232 -18.99 21.24 42.05
CA GLU B 232 -19.01 22.67 41.78
C GLU B 232 -19.09 23.10 40.29
N GLY B 233 -19.06 22.13 39.38
CA GLY B 233 -19.29 22.41 37.96
C GLY B 233 -18.06 23.00 37.29
N LYS B 234 -16.90 22.76 37.89
CA LYS B 234 -15.60 23.20 37.39
C LYS B 234 -15.16 22.20 36.31
N ALA B 235 -14.27 22.61 35.41
CA ALA B 235 -13.76 21.71 34.35
C ALA B 235 -12.24 21.65 34.46
N ILE B 236 -11.76 20.79 35.33
CA ILE B 236 -10.34 20.75 35.64
C ILE B 236 -9.74 19.34 35.49
N SER B 237 -8.54 19.29 34.92
CA SER B 237 -7.88 18.03 34.65
C SER B 237 -6.85 17.71 35.72
N ILE B 238 -6.85 16.47 36.18
CA ILE B 238 -5.97 15.96 37.20
C ILE B 238 -5.10 14.88 36.59
N ALA B 239 -3.78 14.97 36.76
CA ALA B 239 -2.88 13.86 36.48
C ALA B 239 -2.66 13.03 37.75
N LEU B 240 -2.52 11.72 37.57
CA LEU B 240 -2.12 10.85 38.65
C LEU B 240 -0.99 9.94 38.19
N HIS B 241 0.14 10.00 38.89
CA HIS B 241 1.28 9.13 38.59
C HIS B 241 0.93 7.74 39.02
N GLY B 242 1.00 6.80 38.08
CA GLY B 242 0.76 5.42 38.40
C GLY B 242 0.55 4.59 37.14
N ASN B 243 0.06 3.38 37.33
CA ASN B 243 -0.12 2.39 36.26
C ASN B 243 -1.60 2.10 36.08
N ALA B 244 -2.13 2.33 34.87
CA ALA B 244 -3.56 2.17 34.59
C ALA B 244 -4.06 0.76 34.80
N ALA B 245 -3.21 -0.23 34.57
CA ALA B 245 -3.57 -1.61 34.76
C ALA B 245 -3.73 -1.96 36.24
N GLU B 246 -3.24 -1.10 37.12
CA GLU B 246 -3.44 -1.28 38.58
C GLU B 246 -4.59 -0.39 39.07
N ILE B 247 -4.56 0.88 38.66
CA ILE B 247 -5.59 1.84 39.09
C ILE B 247 -6.99 1.60 38.59
N LEU B 248 -7.17 1.27 37.32
CA LEU B 248 -8.51 1.07 36.84
C LEU B 248 -9.20 -0.13 37.58
N PRO B 249 -8.54 -1.27 37.71
CA PRO B 249 -9.12 -2.38 38.49
C PRO B 249 -9.44 -1.98 39.93
N GLU B 250 -8.56 -1.21 40.57
CA GLU B 250 -8.81 -0.73 41.94
C GLU B 250 -10.06 0.15 41.99
N LEU B 251 -10.24 1.06 41.02
CA LEU B 251 -11.43 1.91 41.01
C LEU B 251 -12.72 1.11 40.83
N VAL B 252 -12.70 0.11 39.95
CA VAL B 252 -13.80 -0.83 39.80
C VAL B 252 -14.16 -1.43 41.16
N LYS B 253 -13.13 -1.88 41.88
CA LYS B 253 -13.23 -2.51 43.19
C LYS B 253 -13.80 -1.62 44.27
N ARG B 254 -13.48 -0.34 44.20
CA ARG B 254 -14.00 0.66 45.11
C ARG B 254 -15.41 1.15 44.74
N GLY B 255 -15.93 0.66 43.62
CA GLY B 255 -17.23 1.09 43.12
C GLY B 255 -17.30 2.51 42.59
N VAL B 256 -16.18 3.04 42.18
CA VAL B 256 -16.12 4.39 41.60
C VAL B 256 -16.72 4.38 40.20
N ARG B 257 -17.55 5.37 39.91
CA ARG B 257 -18.28 5.42 38.68
C ARG B 257 -17.92 6.69 37.91
N PRO B 258 -16.97 6.64 36.97
CA PRO B 258 -16.72 7.81 36.11
C PRO B 258 -17.90 8.02 35.17
N ASP B 259 -17.98 9.19 34.54
CA ASP B 259 -19.02 9.42 33.54
C ASP B 259 -18.63 8.98 32.15
N MET B 260 -17.33 8.85 31.91
CA MET B 260 -16.80 8.23 30.69
C MET B 260 -15.49 7.55 31.01
N VAL B 261 -15.21 6.46 30.31
CA VAL B 261 -13.97 5.73 30.47
C VAL B 261 -13.36 5.44 29.12
N THR B 262 -12.07 5.78 28.98
CA THR B 262 -11.33 5.43 27.78
C THR B 262 -9.88 5.18 28.14
N ASP B 263 -9.02 5.07 27.13
CA ASP B 263 -7.59 4.89 27.35
C ASP B 263 -6.76 5.40 26.19
N GLN B 264 -5.57 5.97 26.46
CA GLN B 264 -4.67 6.33 25.37
C GLN B 264 -3.19 6.12 25.73
N THR B 265 -2.91 5.04 26.43
CA THR B 265 -1.57 4.53 26.54
C THR B 265 -1.11 4.09 25.13
N SER B 266 0.19 3.82 24.99
CA SER B 266 0.73 3.28 23.74
C SER B 266 0.63 1.75 23.69
N ALA B 267 -0.59 1.26 23.88
CA ALA B 267 -0.90 -0.16 23.81
C ALA B 267 -0.66 -0.81 22.43
N HIS B 268 -0.53 0.03 21.42
CA HIS B 268 -0.35 -0.45 20.06
C HIS B 268 0.97 -1.15 19.85
N ASP B 269 1.92 -0.92 20.79
CA ASP B 269 3.29 -1.44 20.71
C ASP B 269 3.71 -1.97 22.08
N PRO B 270 3.34 -3.22 22.38
CA PRO B 270 3.56 -3.82 23.72
C PRO B 270 5.03 -3.73 24.22
N LEU B 271 6.00 -3.80 23.29
CA LEU B 271 7.40 -3.79 23.65
C LEU B 271 7.88 -2.44 24.18
N ASN B 272 7.32 -1.37 23.64
CA ASN B 272 7.81 -0.02 23.85
C ASN B 272 6.84 0.93 24.56
N GLY B 273 5.54 0.71 24.43
CA GLY B 273 4.55 1.72 24.75
C GLY B 273 3.64 1.50 25.97
N TYR B 274 3.79 0.37 26.65
CA TYR B 274 2.88 -0.01 27.71
C TYR B 274 3.57 -0.70 28.90
N LEU B 275 3.59 -0.02 30.04
CA LEU B 275 4.25 -0.52 31.26
C LEU B 275 3.47 -1.64 31.95
N PRO B 276 4.05 -2.83 32.07
CA PRO B 276 3.38 -3.91 32.83
C PRO B 276 3.20 -3.52 34.32
N ALA B 277 2.10 -3.97 34.90
CA ALA B 277 1.76 -3.75 36.29
C ALA B 277 2.92 -4.19 37.18
N GLY B 278 3.33 -3.34 38.10
CA GLY B 278 4.39 -3.65 39.04
C GLY B 278 5.80 -3.30 38.61
N TRP B 279 5.99 -2.90 37.34
CA TRP B 279 7.31 -2.59 36.79
C TRP B 279 7.59 -1.08 36.86
N THR B 280 8.85 -0.71 37.05
CA THR B 280 9.27 0.67 36.78
C THR B 280 9.55 0.87 35.30
N TRP B 281 9.46 2.12 34.83
CA TRP B 281 9.77 2.42 33.44
C TRP B 281 11.20 1.97 33.10
N GLU B 282 12.07 2.03 34.10
CA GLU B 282 13.48 1.70 33.93
C GLU B 282 13.67 0.21 33.74
N GLN B 283 12.92 -0.59 34.49
CA GLN B 283 12.95 -2.04 34.34
C GLN B 283 12.37 -2.43 32.98
N TYR B 284 11.32 -1.71 32.58
CA TYR B 284 10.62 -1.98 31.33
C TYR B 284 11.56 -1.77 30.13
N ARG B 285 12.23 -0.62 30.11
CA ARG B 285 13.18 -0.28 29.05
C ARG B 285 14.42 -1.18 29.05
N ASP B 286 14.90 -1.55 30.23
CA ASP B 286 16.09 -2.41 30.31
C ASP B 286 15.74 -3.81 29.83
N ARG B 287 14.60 -4.34 30.27
CA ARG B 287 14.20 -5.71 29.90
C ARG B 287 13.75 -5.81 28.44
N ALA B 288 13.28 -4.69 27.86
CA ALA B 288 12.90 -4.71 26.44
C ALA B 288 14.09 -5.03 25.52
N GLN B 289 15.31 -4.64 25.92
CA GLN B 289 16.49 -4.98 25.12
C GLN B 289 16.98 -6.43 25.38
N THR B 290 16.72 -6.95 26.57
CA THR B 290 17.25 -8.23 27.03
C THR B 290 16.34 -9.42 26.75
N GLU B 291 15.06 -9.23 27.00
CA GLU B 291 14.08 -10.30 26.90
C GLU B 291 12.79 -9.72 26.29
N PRO B 292 12.86 -9.27 25.05
CA PRO B 292 11.71 -8.59 24.43
C PRO B 292 10.45 -9.46 24.39
N ALA B 293 10.59 -10.74 24.03
CA ALA B 293 9.42 -11.61 23.99
C ALA B 293 8.69 -11.69 25.34
N ALA B 294 9.42 -11.77 26.45
CA ALA B 294 8.80 -11.79 27.78
C ALA B 294 8.14 -10.45 28.14
N VAL B 295 8.76 -9.35 27.71
CA VAL B 295 8.22 -8.02 27.95
C VAL B 295 6.89 -7.86 27.22
N VAL B 296 6.85 -8.27 25.96
CA VAL B 296 5.60 -8.17 25.22
C VAL B 296 4.50 -8.97 25.92
N LYS B 297 4.82 -10.17 26.40
CA LYS B 297 3.78 -10.96 27.04
C LYS B 297 3.31 -10.31 28.32
N ALA B 298 4.23 -9.74 29.10
CA ALA B 298 3.86 -9.07 30.35
C ALA B 298 2.97 -7.86 30.12
N ALA B 299 3.32 -7.10 29.10
CA ALA B 299 2.60 -5.89 28.77
C ALA B 299 1.18 -6.27 28.33
N LYS B 300 1.05 -7.27 27.47
CA LYS B 300 -0.28 -7.69 26.99
C LYS B 300 -1.14 -8.31 28.10
N GLN B 301 -0.51 -9.01 29.03
CA GLN B 301 -1.23 -9.55 30.17
C GLN B 301 -1.82 -8.43 31.07
N SER B 302 -1.07 -7.38 31.29
CA SER B 302 -1.55 -6.19 31.96
C SER B 302 -2.63 -5.46 31.13
N MET B 303 -2.47 -5.39 29.80
CA MET B 303 -3.54 -4.82 28.96
C MET B 303 -4.87 -5.55 29.13
N ALA B 304 -4.78 -6.86 29.34
CA ALA B 304 -5.98 -7.68 29.51
C ALA B 304 -6.74 -7.33 30.77
N VAL B 305 -5.99 -7.14 31.84
CA VAL B 305 -6.58 -6.77 33.14
C VAL B 305 -7.20 -5.37 33.05
N HIS B 306 -6.46 -4.47 32.39
CA HIS B 306 -6.88 -3.09 32.10
C HIS B 306 -8.18 -3.07 31.32
N VAL B 307 -8.23 -3.82 30.22
CA VAL B 307 -9.45 -3.88 29.45
C VAL B 307 -10.64 -4.52 30.17
N GLN B 308 -10.40 -5.54 31.00
CA GLN B 308 -11.50 -6.11 31.79
C GLN B 308 -12.06 -5.08 32.71
N ALA B 309 -11.22 -4.20 33.27
CA ALA B 309 -11.74 -3.10 34.11
C ALA B 309 -12.61 -2.14 33.31
N MET B 310 -12.18 -1.80 32.09
CA MET B 310 -13.00 -0.97 31.20
C MET B 310 -14.32 -1.68 30.91
N LEU B 311 -14.26 -2.99 30.72
CA LEU B 311 -15.48 -3.77 30.49
C LEU B 311 -16.41 -3.76 31.71
N ASP B 312 -15.80 -3.85 32.88
CA ASP B 312 -16.50 -3.81 34.15
C ASP B 312 -17.21 -2.48 34.37
N PHE B 313 -16.56 -1.37 33.99
CA PHE B 313 -17.18 -0.05 34.04
C PHE B 313 -18.37 -0.04 33.12
N GLN B 314 -18.18 -0.51 31.88
CA GLN B 314 -19.29 -0.50 30.95
C GLN B 314 -20.48 -1.31 31.49
N LYS B 315 -20.22 -2.39 32.20
CA LYS B 315 -21.31 -3.23 32.72
C LYS B 315 -22.11 -2.45 33.78
N GLN B 316 -21.46 -1.47 34.42
CA GLN B 316 -22.15 -0.56 35.35
C GLN B 316 -22.88 0.62 34.65
N GLY B 317 -22.91 0.63 33.32
CA GLY B 317 -23.63 1.66 32.58
C GLY B 317 -22.78 2.87 32.20
N VAL B 318 -21.48 2.76 32.41
CA VAL B 318 -20.57 3.87 32.12
C VAL B 318 -20.25 3.85 30.61
N PRO B 319 -20.48 4.95 29.90
CA PRO B 319 -20.01 5.07 28.51
C PRO B 319 -18.50 4.81 28.44
N THR B 320 -18.16 3.79 27.68
CA THR B 320 -16.79 3.33 27.58
C THR B 320 -16.44 3.18 26.11
N PHE B 321 -15.26 3.61 25.71
CA PHE B 321 -14.85 3.50 24.34
C PHE B 321 -13.35 3.40 24.21
N ASP B 322 -12.93 2.86 23.08
CA ASP B 322 -11.53 2.69 22.70
C ASP B 322 -11.12 3.95 21.95
N TYR B 323 -10.05 4.58 22.40
CA TYR B 323 -9.56 5.82 21.78
C TYR B 323 -8.31 5.56 20.92
N GLY B 324 -8.33 4.42 20.22
CA GLY B 324 -7.51 4.27 19.01
C GLY B 324 -6.09 3.79 19.21
N ASN B 325 -5.85 2.97 20.23
CA ASN B 325 -4.52 2.46 20.54
C ASN B 325 -4.41 0.94 20.46
N ASN B 326 -5.45 0.29 19.92
CA ASN B 326 -5.53 -1.15 19.72
C ASN B 326 -5.55 -1.97 20.99
N ILE B 327 -5.89 -1.35 22.13
CA ILE B 327 -5.80 -2.09 23.39
C ILE B 327 -6.80 -3.28 23.44
N ARG B 328 -7.96 -3.16 22.79
CA ARG B 328 -8.92 -4.24 22.83
C ARG B 328 -8.33 -5.47 22.13
N GLN B 329 -7.67 -5.23 21.00
CA GLN B 329 -7.08 -6.36 20.25
C GLN B 329 -6.05 -7.11 21.07
N MET B 330 -5.20 -6.36 21.76
CA MET B 330 -4.17 -6.95 22.59
C MET B 330 -4.81 -7.80 23.73
N ALA B 331 -5.84 -7.26 24.37
CA ALA B 331 -6.55 -7.99 25.43
C ALA B 331 -7.22 -9.25 24.88
N LYS B 332 -7.85 -9.12 23.72
CA LYS B 332 -8.48 -10.24 23.05
C LYS B 332 -7.47 -11.37 22.81
N GLU B 333 -6.28 -11.04 22.34
CA GLU B 333 -5.22 -12.04 22.09
C GLU B 333 -4.78 -12.72 23.36
N GLU B 334 -4.91 -12.02 24.49
CA GLU B 334 -4.58 -12.55 25.81
C GLU B 334 -5.80 -13.16 26.54
N GLY B 335 -6.87 -13.46 25.81
CA GLY B 335 -7.97 -14.25 26.35
C GLY B 335 -9.22 -13.50 26.80
N VAL B 336 -9.25 -12.18 26.61
CA VAL B 336 -10.43 -11.39 26.94
C VAL B 336 -11.36 -11.42 25.72
N ALA B 337 -12.19 -12.47 25.64
CA ALA B 337 -12.89 -12.79 24.40
C ALA B 337 -13.87 -11.70 24.01
N ASN B 338 -14.35 -10.97 25.00
CA ASN B 338 -15.36 -9.92 24.78
C ASN B 338 -14.77 -8.50 24.80
N ALA B 339 -13.48 -8.39 24.54
CA ALA B 339 -12.81 -7.10 24.53
C ALA B 339 -13.49 -6.06 23.63
N PHE B 340 -14.12 -6.53 22.55
CA PHE B 340 -14.75 -5.61 21.61
C PHE B 340 -16.22 -5.30 21.94
N ASP B 341 -16.65 -5.62 23.18
CA ASP B 341 -17.99 -5.25 23.64
C ASP B 341 -18.15 -3.73 23.79
N PHE B 342 -17.05 -2.98 23.86
CA PHE B 342 -17.14 -1.53 23.79
C PHE B 342 -16.48 -1.02 22.50
N PRO B 343 -17.08 0.00 21.90
CA PRO B 343 -16.78 0.40 20.54
C PRO B 343 -15.61 1.36 20.45
N GLY B 344 -15.08 1.50 19.25
CA GLY B 344 -14.14 2.55 18.92
C GLY B 344 -14.84 3.89 18.77
N PHE B 345 -14.09 4.95 19.08
CA PHE B 345 -14.62 6.30 19.02
C PHE B 345 -15.15 6.74 17.67
N VAL B 346 -14.58 6.23 16.60
CA VAL B 346 -15.04 6.65 15.28
C VAL B 346 -16.44 6.11 14.95
N PRO B 347 -16.70 4.81 14.99
CA PRO B 347 -18.10 4.39 14.76
C PRO B 347 -19.08 4.99 15.80
N ALA B 348 -18.62 5.16 17.03
CA ALA B 348 -19.53 5.63 18.09
C ALA B 348 -19.86 7.07 17.91
N TYR B 349 -18.86 7.89 17.59
CA TYR B 349 -18.97 9.33 17.74
C TYR B 349 -18.65 10.16 16.48
N ILE B 350 -17.50 9.92 15.87
CA ILE B 350 -16.89 10.80 14.87
C ILE B 350 -17.22 10.50 13.40
N ARG B 351 -17.68 9.29 13.08
CA ARG B 351 -17.91 8.98 11.65
C ARG B 351 -18.78 9.98 10.88
N PRO B 352 -19.85 10.50 11.47
CA PRO B 352 -20.66 11.48 10.74
C PRO B 352 -19.87 12.67 10.27
N LEU B 353 -18.85 13.09 11.00
CA LEU B 353 -17.99 14.17 10.58
C LEU B 353 -17.16 13.75 9.34
N PHE B 354 -16.60 12.55 9.39
CA PHE B 354 -15.85 12.01 8.25
C PHE B 354 -16.73 11.92 7.00
N CYS B 355 -18.02 11.67 7.17
CA CYS B 355 -18.95 11.59 6.04
C CYS B 355 -19.06 12.92 5.25
N ARG B 356 -18.69 14.03 5.88
CA ARG B 356 -18.62 15.30 5.16
C ARG B 356 -17.17 15.74 4.92
N GLY B 357 -16.23 14.83 5.10
CA GLY B 357 -14.84 15.12 4.83
C GLY B 357 -14.20 15.96 5.94
N VAL B 358 -14.87 16.07 7.08
CA VAL B 358 -14.33 16.84 8.21
C VAL B 358 -13.32 16.00 8.96
N GLY B 359 -12.20 16.60 9.35
CA GLY B 359 -11.16 15.91 10.08
C GLY B 359 -10.06 16.87 10.45
N PRO B 360 -8.93 16.35 10.96
CA PRO B 360 -7.84 17.13 11.58
C PRO B 360 -6.93 17.93 10.63
N PHE B 361 -7.59 18.72 9.79
CA PHE B 361 -7.03 19.76 8.95
C PHE B 361 -6.28 20.78 9.80
N ARG B 362 -5.12 21.16 9.31
CA ARG B 362 -4.17 21.97 10.09
C ARG B 362 -3.23 22.75 9.18
N TRP B 363 -2.61 23.77 9.75
CA TRP B 363 -1.62 24.52 9.01
C TRP B 363 -0.58 25.06 9.97
N ALA B 364 0.62 25.36 9.47
CA ALA B 364 1.69 25.89 10.29
C ALA B 364 2.33 27.09 9.59
N ALA B 365 2.75 28.05 10.37
CA ALA B 365 3.36 29.26 9.86
C ALA B 365 4.87 29.09 9.84
N LEU B 366 5.44 28.96 8.64
CA LEU B 366 6.88 28.71 8.51
C LEU B 366 7.70 29.90 9.00
N SER B 367 7.11 31.09 8.98
CA SER B 367 7.78 32.28 9.56
C SER B 367 8.24 32.09 10.99
N GLY B 368 7.49 31.31 11.78
CA GLY B 368 7.72 31.17 13.20
C GLY B 368 6.92 32.21 14.01
N GLU B 369 6.16 33.04 13.34
CA GLU B 369 5.46 34.16 14.01
C GLU B 369 4.06 33.80 14.47
N ALA B 370 3.79 33.91 15.78
CA ALA B 370 2.45 33.73 16.33
C ALA B 370 1.37 34.51 15.58
N GLU B 371 1.68 35.76 15.22
CA GLU B 371 0.70 36.63 14.57
C GLU B 371 0.26 36.11 13.20
N ASP B 372 1.11 35.34 12.53
CA ASP B 372 0.69 34.71 11.28
C ASP B 372 -0.50 33.79 11.55
N ILE B 373 -0.45 32.98 12.63
CA ILE B 373 -1.57 32.11 12.94
C ILE B 373 -2.79 32.96 13.35
N TYR B 374 -2.57 34.01 14.15
CA TYR B 374 -3.73 34.82 14.58
C TYR B 374 -4.40 35.43 13.35
N LYS B 375 -3.61 35.84 12.34
CA LYS B 375 -4.22 36.36 11.12
C LYS B 375 -5.01 35.27 10.38
N THR B 376 -4.49 34.03 10.34
CA THR B 376 -5.28 32.95 9.75
C THR B 376 -6.55 32.71 10.56
N ASP B 377 -6.48 32.81 11.88
CA ASP B 377 -7.65 32.53 12.71
C ASP B 377 -8.78 33.53 12.33
N ALA B 378 -8.38 34.81 12.23
CA ALA B 378 -9.32 35.88 11.87
C ALA B 378 -9.88 35.65 10.47
N LYS B 379 -9.04 35.19 9.53
CA LYS B 379 -9.51 34.95 8.16
C LYS B 379 -10.48 33.75 8.13
N VAL B 380 -10.23 32.69 8.92
CA VAL B 380 -11.18 31.58 9.00
C VAL B 380 -12.52 32.10 9.48
N LYS B 381 -12.53 32.94 10.50
CA LYS B 381 -13.80 33.47 10.99
C LYS B 381 -14.54 34.30 9.92
N GLU B 382 -13.79 35.06 9.11
CA GLU B 382 -14.35 35.83 8.01
C GLU B 382 -14.95 34.92 6.95
N LEU B 383 -14.25 33.84 6.62
CA LEU B 383 -14.70 32.92 5.56
C LEU B 383 -15.83 31.95 5.96
N ILE B 384 -15.96 31.70 7.27
CA ILE B 384 -16.97 30.81 7.83
C ILE B 384 -17.67 31.61 8.91
N PRO B 385 -18.38 32.67 8.50
CA PRO B 385 -18.92 33.62 9.47
C PRO B 385 -20.07 33.05 10.29
N ASP B 386 -20.70 31.97 9.81
CA ASP B 386 -21.91 31.47 10.47
C ASP B 386 -21.78 30.11 11.14
N ASP B 387 -20.56 29.77 11.58
CA ASP B 387 -20.35 28.55 12.35
C ASP B 387 -19.84 28.93 13.73
N ALA B 388 -20.74 29.04 14.69
CA ALA B 388 -20.31 29.48 16.01
C ALA B 388 -19.55 28.43 16.79
N HIS B 389 -19.79 27.15 16.51
CA HIS B 389 -19.06 26.07 17.16
C HIS B 389 -17.59 26.24 16.76
N LEU B 390 -17.36 26.54 15.49
CA LEU B 390 -15.99 26.68 15.03
C LEU B 390 -15.36 27.97 15.53
N HIS B 391 -16.09 29.08 15.53
CA HIS B 391 -15.53 30.32 16.14
C HIS B 391 -15.12 30.11 17.58
N ARG B 392 -15.95 29.39 18.33
CA ARG B 392 -15.70 29.06 19.70
C ARG B 392 -14.43 28.20 19.78
N TRP B 393 -14.26 27.26 18.86
CA TRP B 393 -13.05 26.45 18.85
C TRP B 393 -11.82 27.37 18.76
N LEU B 394 -11.84 28.33 17.85
CA LEU B 394 -10.68 29.18 17.62
C LEU B 394 -10.45 30.11 18.81
N ASP B 395 -11.52 30.53 19.46
CA ASP B 395 -11.38 31.30 20.68
C ASP B 395 -10.76 30.48 21.81
N MET B 396 -11.26 29.26 22.02
CA MET B 396 -10.71 28.34 23.01
C MET B 396 -9.26 28.03 22.68
N ALA B 397 -8.95 27.90 21.39
CA ALA B 397 -7.58 27.57 21.02
C ALA B 397 -6.64 28.72 21.37
N ARG B 398 -7.07 29.94 21.05
CA ARG B 398 -6.29 31.15 21.40
C ARG B 398 -6.03 31.31 22.90
N GLU B 399 -7.03 31.03 23.70
CA GLU B 399 -6.98 31.14 25.17
C GLU B 399 -6.17 30.03 25.84
N ARG B 400 -6.36 28.80 25.38
CA ARG B 400 -5.93 27.62 26.10
C ARG B 400 -4.85 26.79 25.44
N ILE B 401 -4.59 26.97 24.15
CA ILE B 401 -3.61 26.14 23.45
C ILE B 401 -2.35 26.97 23.25
N SER B 402 -1.24 26.52 23.83
CA SER B 402 0.02 27.22 23.64
C SER B 402 0.72 26.61 22.44
N PHE B 403 1.36 27.46 21.64
CA PHE B 403 2.07 26.95 20.47
C PHE B 403 3.23 26.12 20.94
N GLN B 404 3.56 25.07 20.17
CA GLN B 404 4.74 24.24 20.39
C GLN B 404 5.51 24.24 19.07
N GLY B 405 6.79 24.63 19.12
CA GLY B 405 7.54 24.79 17.89
C GLY B 405 6.95 25.87 17.02
N LEU B 406 6.97 25.66 15.71
CA LEU B 406 6.39 26.63 14.78
C LEU B 406 4.91 26.84 15.12
N PRO B 407 4.41 28.08 15.24
CA PRO B 407 2.97 28.30 15.46
C PRO B 407 2.13 27.61 14.41
N ALA B 408 1.10 26.90 14.89
CA ALA B 408 0.26 26.09 14.02
C ALA B 408 -1.13 26.13 14.58
N ARG B 409 -2.07 25.66 13.78
CA ARG B 409 -3.46 25.59 14.17
C ARG B 409 -4.14 24.30 13.67
N ILE B 410 -4.91 23.67 14.57
CA ILE B 410 -5.83 22.62 14.26
C ILE B 410 -7.24 23.26 14.09
N CYS B 411 -7.94 22.86 13.04
CA CYS B 411 -9.26 23.43 12.74
C CYS B 411 -10.05 22.48 11.85
N TRP B 412 -10.95 21.69 12.47
CA TRP B 412 -11.69 20.65 11.80
C TRP B 412 -12.68 21.25 10.81
N VAL B 413 -12.41 21.09 9.52
CA VAL B 413 -13.31 21.48 8.43
C VAL B 413 -13.23 20.43 7.35
N GLY B 414 -14.20 20.40 6.46
CA GLY B 414 -14.34 19.33 5.49
C GLY B 414 -14.40 19.77 4.04
N LEU B 415 -15.05 18.97 3.22
CA LEU B 415 -15.09 19.16 1.78
C LEU B 415 -15.78 20.48 1.44
N GLY B 416 -15.09 21.31 0.68
CA GLY B 416 -15.55 22.64 0.30
C GLY B 416 -14.76 23.71 1.00
N LEU B 417 -14.81 23.74 2.32
CA LEU B 417 -14.12 24.80 3.08
C LEU B 417 -12.60 24.61 3.14
N ARG B 418 -12.13 23.38 3.02
CA ARG B 418 -10.66 23.20 2.98
C ARG B 418 -10.04 24.02 1.87
N ALA B 419 -10.56 23.92 0.66
CA ALA B 419 -10.01 24.61 -0.50
C ALA B 419 -10.21 26.12 -0.36
N LYS B 420 -11.35 26.54 0.17
CA LYS B 420 -11.63 27.97 0.37
C LYS B 420 -10.58 28.58 1.29
N LEU B 421 -10.31 27.89 2.39
CA LEU B 421 -9.32 28.34 3.34
C LEU B 421 -7.92 28.32 2.72
N GLY B 422 -7.56 27.23 2.03
CA GLY B 422 -6.20 27.16 1.48
C GLY B 422 -5.90 28.25 0.46
N LEU B 423 -6.87 28.51 -0.42
CA LEU B 423 -6.71 29.53 -1.43
C LEU B 423 -6.63 30.93 -0.78
N ALA B 424 -7.42 31.17 0.26
CA ALA B 424 -7.36 32.45 0.96
C ALA B 424 -5.99 32.62 1.64
N PHE B 425 -5.43 31.54 2.22
CA PHE B 425 -4.14 31.64 2.92
C PHE B 425 -3.04 31.94 1.89
N ASN B 426 -3.18 31.34 0.71
CA ASN B 426 -2.20 31.51 -0.34
C ASN B 426 -2.27 32.99 -0.79
N GLU B 427 -3.46 33.56 -0.89
CA GLU B 427 -3.59 35.00 -1.25
C GLU B 427 -2.96 35.89 -0.17
N MET B 428 -3.04 35.49 1.11
CA MET B 428 -2.45 36.25 2.22
C MET B 428 -0.91 36.20 2.22
N VAL B 429 -0.34 35.07 1.79
CA VAL B 429 1.09 35.00 1.56
C VAL B 429 1.45 35.95 0.41
N ARG B 430 0.67 35.90 -0.66
CA ARG B 430 0.94 36.71 -1.85
C ARG B 430 0.98 38.21 -1.50
N SER B 431 0.00 38.63 -0.72
CA SER B 431 -0.19 40.06 -0.41
C SER B 431 0.78 40.55 0.66
N GLY B 432 1.46 39.63 1.34
CA GLY B 432 2.33 39.96 2.44
C GLY B 432 1.66 40.12 3.79
N GLU B 433 0.36 39.85 3.85
CA GLU B 433 -0.32 39.80 5.14
C GLU B 433 0.31 38.75 6.05
N LEU B 434 0.60 37.56 5.50
CA LEU B 434 1.39 36.56 6.21
C LEU B 434 2.85 36.80 5.85
N SER B 435 3.71 36.65 6.86
CA SER B 435 5.12 36.98 6.83
C SER B 435 5.93 36.04 5.95
N ALA B 436 5.51 34.77 5.95
CA ALA B 436 6.14 33.76 5.10
C ALA B 436 5.08 32.71 4.69
N PRO B 437 5.41 31.84 3.73
CA PRO B 437 4.48 30.77 3.37
C PRO B 437 3.97 29.98 4.54
N VAL B 438 2.78 29.38 4.34
CA VAL B 438 2.24 28.44 5.30
C VAL B 438 2.14 27.06 4.67
N VAL B 439 2.18 26.07 5.53
CA VAL B 439 1.95 24.69 5.07
C VAL B 439 0.60 24.21 5.59
N ILE B 440 -0.13 23.48 4.75
CA ILE B 440 -1.46 22.94 5.06
C ILE B 440 -1.32 21.41 5.02
N GLY B 441 -1.73 20.74 6.09
CA GLY B 441 -1.74 19.29 6.11
C GLY B 441 -2.91 18.78 6.95
N ARG B 442 -2.64 17.67 7.60
CA ARG B 442 -3.58 16.95 8.40
C ARG B 442 -2.86 15.77 9.01
N ASP B 443 -3.51 15.15 10.00
CA ASP B 443 -3.14 13.84 10.46
C ASP B 443 -3.45 12.84 9.35
N HIS B 444 -2.93 11.63 9.46
CA HIS B 444 -3.39 10.56 8.54
C HIS B 444 -4.75 9.99 8.94
N LEU B 445 -5.19 10.24 10.17
CA LEU B 445 -6.57 9.97 10.57
C LEU B 445 -7.38 11.05 9.87
N ASP B 446 -8.12 10.68 8.84
CA ASP B 446 -8.95 11.62 8.09
C ASP B 446 -9.92 10.79 7.23
N SER B 447 -10.89 11.40 6.57
CA SER B 447 -12.02 10.66 6.09
C SER B 447 -11.66 9.70 4.96
N GLY B 448 -10.67 10.10 4.13
CA GLY B 448 -10.32 9.36 2.94
C GLY B 448 -8.93 8.76 2.89
N SER B 449 -8.21 8.77 3.99
CA SER B 449 -6.75 8.50 4.04
C SER B 449 -6.35 7.33 4.92
N VAL B 450 -7.31 6.57 5.44
CA VAL B 450 -6.96 5.51 6.38
C VAL B 450 -7.93 4.33 6.36
N SER B 451 -7.35 3.13 6.44
CA SER B 451 -8.13 1.93 6.63
C SER B 451 -7.59 1.25 7.89
N SER B 452 -8.51 0.97 8.83
CA SER B 452 -8.15 0.55 10.19
C SER B 452 -9.36 -0.04 10.91
N PRO B 453 -9.57 -1.35 10.78
CA PRO B 453 -10.78 -1.97 11.34
C PRO B 453 -11.01 -1.87 12.85
N ASN B 454 -9.93 -1.58 13.59
CA ASN B 454 -10.05 -1.36 15.03
C ASN B 454 -10.04 0.12 15.40
N ARG B 455 -10.11 0.99 14.39
CA ARG B 455 -10.18 2.41 14.62
C ARG B 455 -11.04 3.11 13.55
N GLU B 456 -10.43 3.82 12.59
CA GLU B 456 -11.18 4.68 11.71
C GLU B 456 -12.21 3.97 10.83
N THR B 457 -11.99 2.72 10.45
CA THR B 457 -13.01 2.01 9.65
C THR B 457 -13.63 0.83 10.41
N GLU B 458 -13.73 0.96 11.73
CA GLU B 458 -14.35 -0.04 12.54
C GLU B 458 -15.84 -0.01 12.30
N ALA B 459 -16.40 -1.19 12.05
CA ALA B 459 -17.84 -1.38 11.87
C ALA B 459 -18.43 -0.48 10.81
N MET B 460 -17.81 -0.45 9.64
CA MET B 460 -18.40 0.19 8.50
C MET B 460 -19.75 -0.50 8.24
N ARG B 461 -20.75 0.31 7.86
CA ARG B 461 -22.11 -0.21 7.66
C ARG B 461 -22.22 -1.36 6.65
N ASP B 462 -21.29 -1.42 5.69
CA ASP B 462 -21.30 -2.42 4.63
C ASP B 462 -20.29 -3.55 4.85
N GLY B 463 -19.59 -3.52 5.97
CA GLY B 463 -18.65 -4.58 6.30
C GLY B 463 -17.29 -4.41 5.68
N SER B 464 -17.02 -3.24 5.14
CA SER B 464 -15.79 -2.98 4.34
C SER B 464 -14.59 -2.52 5.15
N ASP B 465 -14.62 -2.76 6.45
CA ASP B 465 -13.64 -2.24 7.39
C ASP B 465 -12.19 -2.42 6.91
N ALA B 466 -11.86 -3.61 6.38
CA ALA B 466 -10.48 -3.94 6.06
C ALA B 466 -10.03 -3.54 4.65
N VAL B 467 -10.93 -2.98 3.84
CA VAL B 467 -10.58 -2.59 2.46
C VAL B 467 -9.59 -1.39 2.49
N SER B 468 -8.37 -1.61 2.02
CA SER B 468 -7.32 -0.59 2.09
C SER B 468 -6.96 -0.02 0.73
N ASP B 469 -7.76 -0.32 -0.29
CA ASP B 469 -7.65 0.41 -1.54
C ASP B 469 -7.68 1.93 -1.38
N TRP B 470 -8.57 2.39 -0.51
CA TRP B 470 -8.87 3.81 -0.44
C TRP B 470 -7.66 4.69 -0.06
N PRO B 471 -6.96 4.39 1.03
CA PRO B 471 -5.80 5.26 1.36
C PRO B 471 -4.75 5.23 0.25
N LEU B 472 -4.60 4.11 -0.45
CA LEU B 472 -3.63 4.02 -1.51
C LEU B 472 -4.06 4.93 -2.65
N LEU B 473 -5.33 4.90 -3.03
CA LEU B 473 -5.85 5.83 -4.04
C LEU B 473 -5.70 7.31 -3.64
N ASN B 474 -5.95 7.60 -2.38
CA ASN B 474 -5.80 8.95 -1.83
C ASN B 474 -4.36 9.45 -2.04
N ALA B 475 -3.34 8.63 -1.75
CA ALA B 475 -1.97 9.10 -1.90
C ALA B 475 -1.61 9.29 -3.40
N LEU B 476 -2.07 8.36 -4.21
CA LEU B 476 -1.88 8.43 -5.65
C LEU B 476 -2.53 9.72 -6.18
N LEU B 477 -3.72 10.05 -5.69
CA LEU B 477 -4.45 11.21 -6.22
C LEU B 477 -3.80 12.50 -5.75
N ASN B 478 -3.32 12.54 -4.50
CA ASN B 478 -2.62 13.70 -3.94
C ASN B 478 -1.32 13.96 -4.71
N THR B 479 -0.72 12.90 -5.20
CA THR B 479 0.46 13.02 -6.05
C THR B 479 0.08 13.59 -7.41
N ALA B 480 -1.00 13.10 -7.99
CA ALA B 480 -1.41 13.54 -9.32
C ALA B 480 -1.88 15.00 -9.27
N GLY B 481 -2.45 15.43 -8.13
CA GLY B 481 -2.93 16.78 -8.01
C GLY B 481 -1.88 17.82 -7.67
N GLY B 482 -0.75 17.43 -7.09
CA GLY B 482 0.30 18.37 -6.69
C GLY B 482 0.45 18.78 -5.23
N ALA B 483 0.11 17.89 -4.29
CA ALA B 483 0.57 18.08 -2.94
C ALA B 483 2.09 18.23 -2.95
N THR B 484 2.67 18.93 -1.98
CA THR B 484 4.13 19.13 -1.93
C THR B 484 4.89 17.92 -1.44
N TRP B 485 4.34 17.23 -0.45
CA TRP B 485 4.82 15.89 -0.12
C TRP B 485 3.66 15.00 0.25
N VAL B 486 3.82 13.72 -0.07
CA VAL B 486 2.78 12.69 0.00
C VAL B 486 3.41 11.46 0.63
N SER B 487 2.67 10.82 1.51
CA SER B 487 3.17 9.72 2.34
C SER B 487 2.20 8.52 2.36
N LEU B 488 2.77 7.33 2.37
CA LEU B 488 2.02 6.06 2.60
C LEU B 488 2.70 5.33 3.72
N HIS B 489 1.99 5.12 4.82
CA HIS B 489 2.53 4.48 6.00
C HIS B 489 1.63 3.27 6.34
N HIS B 490 2.21 2.40 7.16
CA HIS B 490 1.58 1.23 7.71
C HIS B 490 1.68 1.24 9.24
N GLY B 491 0.57 0.97 9.90
CA GLY B 491 0.54 0.66 11.33
C GLY B 491 0.49 1.82 12.28
N GLY B 492 0.25 3.01 11.76
CA GLY B 492 0.06 4.21 12.55
C GLY B 492 -1.17 4.01 13.43
N GLY B 493 -1.05 4.47 14.68
CA GLY B 493 -2.16 4.48 15.63
C GLY B 493 -2.33 3.16 16.36
N VAL B 494 -2.57 2.10 15.59
CA VAL B 494 -2.95 0.80 16.08
C VAL B 494 -1.84 -0.25 16.00
N GLY B 495 -0.71 0.10 15.40
CA GLY B 495 0.43 -0.81 15.38
C GLY B 495 0.53 -1.71 14.15
N MET B 496 1.68 -2.38 14.03
CA MET B 496 1.94 -3.25 12.89
C MET B 496 0.81 -4.26 12.68
N GLY B 497 0.36 -4.37 11.43
CA GLY B 497 -0.68 -5.29 10.98
C GLY B 497 -2.07 -4.70 10.89
N PHE B 498 -2.30 -3.53 11.50
CA PHE B 498 -3.68 -3.07 11.78
C PHE B 498 -4.14 -1.81 11.07
N SER B 499 -3.26 -1.18 10.31
CA SER B 499 -3.60 0.05 9.59
C SER B 499 -2.77 0.28 8.35
N GLN B 500 -3.35 0.91 7.31
CA GLN B 500 -2.61 1.51 6.19
C GLN B 500 -3.24 2.88 5.93
N HIS B 501 -2.44 3.87 5.63
CA HIS B 501 -2.93 5.24 5.57
C HIS B 501 -1.98 6.15 4.80
N SER B 502 -2.48 7.31 4.42
CA SER B 502 -1.76 8.24 3.60
C SER B 502 -1.70 9.61 4.31
N GLY B 503 -0.68 10.39 3.92
CA GLY B 503 -0.52 11.77 4.35
C GLY B 503 -0.36 12.68 3.14
N MET B 504 -0.63 13.97 3.38
CA MET B 504 -0.37 14.98 2.40
C MET B 504 -0.03 16.29 3.10
N VAL B 505 0.85 17.06 2.49
CA VAL B 505 1.04 18.43 2.91
C VAL B 505 1.19 19.26 1.65
N ILE B 506 0.66 20.48 1.64
CA ILE B 506 0.83 21.36 0.52
C ILE B 506 1.25 22.76 0.99
N VAL B 507 2.16 23.36 0.23
CA VAL B 507 2.74 24.65 0.56
C VAL B 507 2.00 25.75 -0.17
N CYS B 508 1.63 26.76 0.62
CA CYS B 508 0.98 27.96 0.11
C CYS B 508 2.06 29.03 0.05
N ASP B 509 2.68 29.19 -1.11
CA ASP B 509 3.79 30.17 -1.22
C ASP B 509 3.41 31.43 -1.92
N GLY B 510 2.11 31.63 -2.11
CA GLY B 510 1.63 32.86 -2.72
C GLY B 510 1.55 32.87 -4.22
N THR B 511 2.01 31.80 -4.89
CA THR B 511 2.14 31.85 -6.33
C THR B 511 0.85 31.37 -7.00
N ASP B 512 0.64 31.79 -8.25
CA ASP B 512 -0.49 31.31 -9.04
C ASP B 512 -0.42 29.79 -9.26
N GLU B 513 0.78 29.27 -9.40
CA GLU B 513 0.95 27.83 -9.60
C GLU B 513 0.53 27.07 -8.34
N ALA B 514 0.96 27.55 -7.18
CA ALA B 514 0.48 27.00 -5.91
C ALA B 514 -1.07 27.05 -5.85
N ALA B 515 -1.66 28.16 -6.28
CA ALA B 515 -3.12 28.29 -6.16
C ALA B 515 -3.82 27.21 -6.99
N GLU B 516 -3.32 26.94 -8.19
CA GLU B 516 -4.00 25.96 -9.05
C GLU B 516 -3.90 24.55 -8.42
N ARG B 517 -2.75 24.26 -7.86
CA ARG B 517 -2.55 22.97 -7.14
C ARG B 517 -3.46 22.89 -5.90
N ILE B 518 -3.52 23.98 -5.14
CA ILE B 518 -4.31 24.01 -3.89
C ILE B 518 -5.77 23.71 -4.16
N ALA B 519 -6.32 24.36 -5.19
CA ALA B 519 -7.74 24.27 -5.48
C ALA B 519 -8.14 22.82 -5.72
N ARG B 520 -7.27 22.11 -6.48
CA ARG B 520 -7.39 20.68 -6.81
C ARG B 520 -7.21 19.80 -5.59
N VAL B 521 -6.07 19.95 -4.92
CA VAL B 521 -5.66 18.97 -3.94
C VAL B 521 -6.56 19.09 -2.71
N LEU B 522 -6.92 20.32 -2.35
CA LEU B 522 -7.79 20.51 -1.16
C LEU B 522 -9.28 20.26 -1.45
N THR B 523 -9.62 20.06 -2.72
CA THR B 523 -10.92 19.49 -3.11
C THR B 523 -10.86 17.96 -3.07
N ASN B 524 -9.82 17.42 -3.69
CA ASN B 524 -9.71 15.98 -3.89
C ASN B 524 -9.44 15.21 -2.59
N ASP B 525 -8.61 15.77 -1.72
CA ASP B 525 -8.21 15.05 -0.50
C ASP B 525 -9.41 14.76 0.41
N PRO B 526 -10.21 15.76 0.78
CA PRO B 526 -11.47 15.44 1.48
C PRO B 526 -12.47 14.78 0.57
N GLY B 527 -12.43 15.08 -0.72
CA GLY B 527 -13.33 14.45 -1.69
C GLY B 527 -13.25 12.92 -1.64
N THR B 528 -12.03 12.38 -1.47
CA THR B 528 -11.87 10.93 -1.46
C THR B 528 -12.55 10.31 -0.26
N GLY B 529 -12.61 11.05 0.85
CA GLY B 529 -13.25 10.54 2.05
C GLY B 529 -14.78 10.58 1.98
N VAL B 530 -15.32 11.62 1.37
CA VAL B 530 -16.75 11.68 1.08
C VAL B 530 -17.13 10.55 0.13
N MET B 531 -16.29 10.31 -0.90
CA MET B 531 -16.45 9.22 -1.82
C MET B 531 -16.45 7.89 -1.08
N ARG B 532 -15.45 7.69 -0.25
CA ARG B 532 -15.29 6.40 0.43
C ARG B 532 -16.48 6.06 1.33
N HIS B 533 -17.00 7.06 2.06
CA HIS B 533 -18.20 6.89 2.89
C HIS B 533 -19.49 6.81 2.07
N ALA B 534 -19.55 7.47 0.90
CA ALA B 534 -20.71 7.35 0.00
C ALA B 534 -20.76 5.96 -0.58
N ASP B 535 -19.58 5.39 -0.83
CA ASP B 535 -19.49 4.05 -1.38
C ASP B 535 -20.02 3.02 -0.40
N ALA B 536 -19.71 3.25 0.86
CA ALA B 536 -20.16 2.38 1.95
C ALA B 536 -21.67 2.52 2.17
N GLY B 537 -22.25 3.56 1.60
CA GLY B 537 -23.69 3.80 1.67
C GLY B 537 -24.20 4.78 2.71
N TYR B 538 -23.33 5.57 3.31
CA TYR B 538 -23.79 6.59 4.25
C TYR B 538 -24.54 7.74 3.57
N ASP B 539 -25.81 7.94 3.94
CA ASP B 539 -26.60 8.99 3.32
C ASP B 539 -26.02 10.39 3.53
N ILE B 540 -25.41 10.65 4.68
CA ILE B 540 -24.80 11.93 4.93
C ILE B 540 -23.67 12.19 3.92
N ALA B 541 -22.92 11.14 3.58
CA ALA B 541 -21.84 11.29 2.60
C ALA B 541 -22.36 11.49 1.20
N ILE B 542 -23.34 10.68 0.83
CA ILE B 542 -23.96 10.81 -0.48
C ILE B 542 -24.52 12.24 -0.64
N ASP B 543 -25.24 12.72 0.37
CA ASP B 543 -25.74 14.08 0.34
C ASP B 543 -24.64 15.10 0.14
N CYS B 544 -23.55 14.97 0.90
CA CYS B 544 -22.44 15.90 0.81
C CYS B 544 -21.82 15.84 -0.60
N ALA B 545 -21.71 14.65 -1.15
CA ALA B 545 -21.18 14.43 -2.51
C ALA B 545 -22.01 15.26 -3.52
N LYS B 546 -23.32 15.19 -3.38
CA LYS B 546 -24.25 15.90 -4.28
C LYS B 546 -24.13 17.42 -4.14
N GLU B 547 -24.10 17.91 -2.90
CA GLU B 547 -23.92 19.32 -2.58
C GLU B 547 -22.65 19.92 -3.18
N GLN B 548 -21.60 19.12 -3.16
CA GLN B 548 -20.28 19.57 -3.51
C GLN B 548 -19.93 19.23 -4.95
N GLY B 549 -20.86 18.56 -5.64
CA GLY B 549 -20.73 18.24 -7.06
C GLY B 549 -19.65 17.23 -7.33
N LEU B 550 -19.51 16.26 -6.43
CA LEU B 550 -18.55 15.17 -6.75
C LEU B 550 -19.06 14.29 -7.88
N ASP B 551 -18.13 13.80 -8.68
CA ASP B 551 -18.41 12.90 -9.78
C ASP B 551 -18.07 11.47 -9.33
N LEU B 552 -19.09 10.76 -8.86
CA LEU B 552 -18.96 9.40 -8.34
C LEU B 552 -19.74 8.49 -9.27
N PRO B 553 -19.04 7.87 -10.22
CA PRO B 553 -19.76 7.17 -11.30
C PRO B 553 -20.79 6.13 -10.89
N MET B 554 -20.56 5.40 -9.79
CA MET B 554 -21.47 4.38 -9.37
C MET B 554 -22.63 4.91 -8.51
PA NAD C . -4.79 -20.22 -14.27
O1A NAD C . -5.27 -19.61 -15.51
O2A NAD C . -5.71 -20.15 -13.04
O5B NAD C . -4.40 -21.75 -14.57
C5B NAD C . -4.00 -22.60 -13.55
C4B NAD C . -4.05 -24.01 -14.20
O4B NAD C . -3.63 -24.98 -13.25
C3B NAD C . -5.46 -24.40 -14.64
O3B NAD C . -5.48 -24.62 -16.04
C2B NAD C . -5.83 -25.63 -13.82
O2B NAD C . -6.57 -26.64 -14.48
C1B NAD C . -4.45 -26.15 -13.45
N9A NAD C . -4.36 -26.98 -12.27
C8A NAD C . -4.83 -26.65 -11.01
N7A NAD C . -4.59 -27.68 -10.22
C5A NAD C . -3.96 -28.65 -10.92
C6A NAD C . -3.48 -29.87 -10.54
N6A NAD C . -3.61 -30.32 -9.31
N1A NAD C . -2.88 -30.66 -11.51
C2A NAD C . -2.79 -30.21 -12.82
N3A NAD C . -3.26 -28.97 -13.20
C4A NAD C . -3.84 -28.22 -12.22
O3 NAD C . -3.42 -19.58 -13.80
PN NAD C . -2.14 -19.08 -14.68
O1N NAD C . -1.68 -20.17 -15.56
O2N NAD C . -2.51 -17.78 -15.30
O5D NAD C . -1.13 -18.86 -13.45
C5D NAD C . -0.60 -20.01 -12.75
C4D NAD C . 0.25 -19.59 -11.55
O4D NAD C . 1.38 -18.79 -12.00
C3D NAD C . -0.53 -18.71 -10.57
O3D NAD C . -0.20 -19.06 -9.25
C2D NAD C . -0.04 -17.30 -10.88
O2D NAD C . -0.26 -16.44 -9.79
C1D NAD C . 1.41 -17.62 -11.20
N1N NAD C . 2.13 -16.60 -11.93
C2N NAD C . 3.49 -16.68 -11.96
C3N NAD C . 4.24 -15.76 -12.68
C7N NAD C . 5.74 -15.85 -12.67
O7N NAD C . 6.49 -14.89 -13.31
N7N NAD C . 6.36 -16.82 -12.05
C4N NAD C . 3.61 -14.79 -13.47
C5N NAD C . 2.23 -14.82 -13.55
C6N NAD C . 1.50 -15.70 -12.77
PA NAD D . 3.43 8.12 23.72
O1A NAD D . 4.22 6.87 23.46
O2A NAD D . 4.06 9.46 23.47
O5B NAD D . 2.85 8.05 25.23
C5B NAD D . 2.27 6.93 25.77
C4B NAD D . 2.19 7.22 27.25
O4B NAD D . 1.55 6.12 27.86
C3B NAD D . 3.57 7.38 27.87
O3B NAD D . 3.73 8.64 28.50
C2B NAD D . 3.65 6.23 28.85
O2B NAD D . 4.26 6.63 30.00
C1B NAD D . 2.18 5.95 29.13
N9A NAD D . 1.88 4.60 29.64
C8A NAD D . 2.27 3.42 29.10
N7A NAD D . 1.83 2.42 29.86
C5A NAD D . 1.11 2.94 30.87
C6A NAD D . 0.38 2.36 31.92
N6A NAD D . 0.30 1.03 32.08
N1A NAD D . -0.23 3.18 32.83
C2A NAD D . -0.16 4.54 32.68
N3A NAD D . 0.53 5.13 31.64
C4A NAD D . 1.16 4.31 30.76
O3 NAD D . 2.13 7.98 22.80
PN NAD D . 1.05 9.08 22.33
O1N NAD D . 1.63 9.97 21.30
O2N NAD D . 0.47 9.72 23.57
O5D NAD D . -0.09 8.17 21.69
C5D NAD D . -0.85 7.37 22.60
C4D NAD D . -1.68 6.37 21.83
O4D NAD D . -2.57 7.13 21.05
C3D NAD D . -0.84 5.57 20.81
O3D NAD D . -1.34 4.25 20.80
C2D NAD D . -1.14 6.24 19.49
O2D NAD D . -0.91 5.38 18.36
C1D NAD D . -2.58 6.66 19.69
N1N NAD D . -3.10 7.75 18.85
C2N NAD D . -4.45 7.88 18.71
C3N NAD D . -4.97 8.92 17.95
C7N NAD D . -6.45 9.01 17.82
O7N NAD D . -6.99 10.04 17.07
N7N NAD D . -7.22 8.15 18.43
C4N NAD D . -4.13 9.88 17.34
C5N NAD D . -2.75 9.77 17.56
C6N NAD D . -2.26 8.70 18.30
#